data_135D
# 
_entry.id   135D 
# 
_audit_conform.dict_name       mmcif_pdbx.dic 
_audit_conform.dict_version    5.392 
_audit_conform.dict_location   http://mmcif.pdb.org/dictionaries/ascii/mmcif_pdbx.dic 
# 
loop_
_database_2.database_id 
_database_2.database_code 
_database_2.pdbx_database_accession 
_database_2.pdbx_DOI 
PDB   135D         pdb_0000135d 10.2210/pdb135d/pdb 
WWPDB D_1000170083 ?            ?                   
# 
loop_
_pdbx_audit_revision_history.ordinal 
_pdbx_audit_revision_history.data_content_type 
_pdbx_audit_revision_history.major_revision 
_pdbx_audit_revision_history.minor_revision 
_pdbx_audit_revision_history.revision_date 
1 'Structure model' 1 0 1994-04-30 
2 'Structure model' 1 1 2008-03-24 
3 'Structure model' 1 2 2011-07-13 
4 'Structure model' 1 3 2022-02-16 
5 'Structure model' 1 4 2024-05-22 
# 
_pdbx_audit_revision_details.ordinal             1 
_pdbx_audit_revision_details.revision_ordinal    1 
_pdbx_audit_revision_details.data_content_type   'Structure model' 
_pdbx_audit_revision_details.provider            repository 
_pdbx_audit_revision_details.type                'Initial release' 
_pdbx_audit_revision_details.description         ? 
_pdbx_audit_revision_details.details             ? 
# 
loop_
_pdbx_audit_revision_group.ordinal 
_pdbx_audit_revision_group.revision_ordinal 
_pdbx_audit_revision_group.data_content_type 
_pdbx_audit_revision_group.group 
1 2 'Structure model' 'Version format compliance' 
2 3 'Structure model' 'Version format compliance' 
3 4 'Structure model' 'Database references'       
4 4 'Structure model' 'Derived calculations'      
5 4 'Structure model' Other                       
6 5 'Structure model' 'Data collection'           
# 
loop_
_pdbx_audit_revision_category.ordinal 
_pdbx_audit_revision_category.revision_ordinal 
_pdbx_audit_revision_category.data_content_type 
_pdbx_audit_revision_category.category 
1 4 'Structure model' database_2            
2 4 'Structure model' pdbx_database_status  
3 4 'Structure model' pdbx_struct_assembly  
4 4 'Structure model' pdbx_struct_oper_list 
5 5 'Structure model' chem_comp_atom        
6 5 'Structure model' chem_comp_bond        
# 
loop_
_pdbx_audit_revision_item.ordinal 
_pdbx_audit_revision_item.revision_ordinal 
_pdbx_audit_revision_item.data_content_type 
_pdbx_audit_revision_item.item 
1 4 'Structure model' '_database_2.pdbx_DOI'                
2 4 'Structure model' '_database_2.pdbx_database_accession' 
3 4 'Structure model' '_pdbx_database_status.process_site'  
# 
_pdbx_database_status.status_code                     REL 
_pdbx_database_status.entry_id                        135D 
_pdbx_database_status.recvd_initial_deposition_date   1993-08-30 
_pdbx_database_status.deposit_site                    ? 
_pdbx_database_status.process_site                    BNL 
_pdbx_database_status.SG_entry                        . 
_pdbx_database_status.status_code_sf                  ? 
_pdbx_database_status.status_code_mr                  ? 
_pdbx_database_status.pdb_format_compatible           Y 
_pdbx_database_status.status_code_cs                  ? 
_pdbx_database_status.status_code_nmr_data            ? 
_pdbx_database_status.methods_development_category    ? 
# 
loop_
_pdbx_database_related.db_name 
_pdbx_database_related.db_id 
_pdbx_database_related.details 
_pdbx_database_related.content_type 
PDB 134D 'MINIMIZED AVERAGE STRUCTURE' unspecified 
PDB 136D 'ENSEMBLE OF 14 STRUCTURES'   ensemble    
# 
loop_
_audit_author.name 
_audit_author.pdbx_ordinal 
'Radhakrishnan, I.' 1 
'Patel, D.J.'       2 
# 
loop_
_citation.id 
_citation.title 
_citation.journal_abbrev 
_citation.journal_volume 
_citation.page_first 
_citation.page_last 
_citation.year 
_citation.journal_id_ASTM 
_citation.country 
_citation.journal_id_ISSN 
_citation.journal_id_CSD 
_citation.book_publisher 
_citation.pdbx_database_id_PubMed 
_citation.pdbx_database_id_DOI 
primary 'Solution structure of a purine.purine.pyrimidine DNA triplex containing G.GC and T.AT triples.' Structure      1   135  
152 1993 STRUE6 UK 0969-2126 2005 ? 8069626 '10.1016/0969-2126(93)90028-F' 
1       'Solution Structure of an Intramolecular Purine(Dot)Purine(Dot)Pyrimidine DNA Triplex'           J.Am.Chem.Soc. 115 1615 ? 
1993 JACSAT US 0002-7863 0004 ? ?       ?                              
# 
loop_
_citation_author.citation_id 
_citation_author.name 
_citation_author.ordinal 
_citation_author.identifier_ORCID 
primary 'Radhakrishnan, I.' 1 ? 
primary 'Patel, D.J.'       2 ? 
1       'Radhakrishnan, I.' 3 ? 
1       'Patel, D.J.'       4 ? 
# 
_entity.id                         1 
_entity.type                       polymer 
_entity.src_method                 syn 
_entity.pdbx_description           'DNA TRIPLEX' 
_entity.formula_weight             9552.122 
_entity.pdbx_number_of_molecules   1 
_entity.pdbx_ec                    ? 
_entity.pdbx_mutation              ? 
_entity.pdbx_fragment              ? 
_entity.details                    ? 
# 
_entity_keywords.entity_id   1 
_entity_keywords.text        'DEOXYRIBONUCLEIC ACID' 
# 
_entity_poly.entity_id                      1 
_entity_poly.type                           polydeoxyribonucleotide 
_entity_poly.nstd_linkage                   no 
_entity_poly.nstd_monomer                   no 
_entity_poly.pdbx_seq_one_letter_code       
;(DT)(DC)(DC)(DT)(DC)(DC)(DT)(DT)(DT)(DT)(DT)(DT)(DA)(DG)(DG)(DA)(DG)(DG)(DA)(DT)
(DT)(DT)(DT)(DT)(DT)(DG)(DG)(DT)(DG)(DG)(DT)
;
_entity_poly.pdbx_seq_one_letter_code_can   TCCTCCTTTTTTAGGAGGATTTTTTGGTGGT 
_entity_poly.pdbx_strand_id                 A 
_entity_poly.pdbx_target_identifier         ? 
# 
loop_
_entity_poly_seq.entity_id 
_entity_poly_seq.num 
_entity_poly_seq.mon_id 
_entity_poly_seq.hetero 
1 1  DT n 
1 2  DC n 
1 3  DC n 
1 4  DT n 
1 5  DC n 
1 6  DC n 
1 7  DT n 
1 8  DT n 
1 9  DT n 
1 10 DT n 
1 11 DT n 
1 12 DT n 
1 13 DA n 
1 14 DG n 
1 15 DG n 
1 16 DA n 
1 17 DG n 
1 18 DG n 
1 19 DA n 
1 20 DT n 
1 21 DT n 
1 22 DT n 
1 23 DT n 
1 24 DT n 
1 25 DT n 
1 26 DG n 
1 27 DG n 
1 28 DT n 
1 29 DG n 
1 30 DG n 
1 31 DT n 
# 
_pdbx_entity_src_syn.entity_id              1 
_pdbx_entity_src_syn.pdbx_src_id            1 
_pdbx_entity_src_syn.pdbx_alt_source_flag   sample 
_pdbx_entity_src_syn.pdbx_beg_seq_num       ? 
_pdbx_entity_src_syn.pdbx_end_seq_num       ? 
_pdbx_entity_src_syn.organism_scientific    ? 
_pdbx_entity_src_syn.organism_common_name   ? 
_pdbx_entity_src_syn.ncbi_taxonomy_id       ? 
_pdbx_entity_src_syn.details                'CHEMICALLY SYNTHESIZED' 
# 
loop_
_chem_comp.id 
_chem_comp.type 
_chem_comp.mon_nstd_flag 
_chem_comp.name 
_chem_comp.pdbx_synonyms 
_chem_comp.formula 
_chem_comp.formula_weight 
DA 'DNA linking' y "2'-DEOXYADENOSINE-5'-MONOPHOSPHATE" ? 'C10 H14 N5 O6 P' 331.222 
DC 'DNA linking' y "2'-DEOXYCYTIDINE-5'-MONOPHOSPHATE"  ? 'C9 H14 N3 O7 P'  307.197 
DG 'DNA linking' y "2'-DEOXYGUANOSINE-5'-MONOPHOSPHATE" ? 'C10 H14 N5 O7 P' 347.221 
DT 'DNA linking' y "THYMIDINE-5'-MONOPHOSPHATE"         ? 'C10 H15 N2 O8 P' 322.208 
# 
loop_
_pdbx_poly_seq_scheme.asym_id 
_pdbx_poly_seq_scheme.entity_id 
_pdbx_poly_seq_scheme.seq_id 
_pdbx_poly_seq_scheme.mon_id 
_pdbx_poly_seq_scheme.ndb_seq_num 
_pdbx_poly_seq_scheme.pdb_seq_num 
_pdbx_poly_seq_scheme.auth_seq_num 
_pdbx_poly_seq_scheme.pdb_mon_id 
_pdbx_poly_seq_scheme.auth_mon_id 
_pdbx_poly_seq_scheme.pdb_strand_id 
_pdbx_poly_seq_scheme.pdb_ins_code 
_pdbx_poly_seq_scheme.hetero 
A 1 1  DT 1  1  1  DT T A . n 
A 1 2  DC 2  2  2  DC C A . n 
A 1 3  DC 3  3  3  DC C A . n 
A 1 4  DT 4  4  4  DT T A . n 
A 1 5  DC 5  5  5  DC C A . n 
A 1 6  DC 6  6  6  DC C A . n 
A 1 7  DT 7  7  7  DT T A . n 
A 1 8  DT 8  1  1  DT T A L n 
A 1 9  DT 9  2  ?  ?  ? A L n 
A 1 10 DT 10 3  ?  ?  ? A L n 
A 1 11 DT 11 4  ?  ?  ? A L n 
A 1 12 DT 12 5  5  DT T A L n 
A 1 13 DA 13 8  8  DA A A . n 
A 1 14 DG 14 9  9  DG G A . n 
A 1 15 DG 15 10 10 DG G A . n 
A 1 16 DA 16 11 11 DA A A . n 
A 1 17 DG 17 12 12 DG G A . n 
A 1 18 DG 18 13 13 DG G A . n 
A 1 19 DA 19 14 14 DA A A . n 
A 1 20 DT 20 6  6  DT T A L n 
A 1 21 DT 21 7  ?  ?  ? A L n 
A 1 22 DT 22 8  ?  ?  ? A L n 
A 1 23 DT 23 9  ?  ?  ? A L n 
A 1 24 DT 24 10 10 DT T A L n 
A 1 25 DT 25 15 15 DT T A . n 
A 1 26 DG 26 16 16 DG G A . n 
A 1 27 DG 27 17 17 DG G A . n 
A 1 28 DT 28 18 18 DT T A . n 
A 1 29 DG 29 19 19 DG G A . n 
A 1 30 DG 30 20 20 DG G A . n 
A 1 31 DT 31 21 21 DT T A . n 
# 
loop_
_pdbx_unobs_or_zero_occ_atoms.id 
_pdbx_unobs_or_zero_occ_atoms.PDB_model_num 
_pdbx_unobs_or_zero_occ_atoms.polymer_flag 
_pdbx_unobs_or_zero_occ_atoms.occupancy_flag 
_pdbx_unobs_or_zero_occ_atoms.auth_asym_id 
_pdbx_unobs_or_zero_occ_atoms.auth_comp_id 
_pdbx_unobs_or_zero_occ_atoms.auth_seq_id 
_pdbx_unobs_or_zero_occ_atoms.PDB_ins_code 
_pdbx_unobs_or_zero_occ_atoms.auth_atom_id 
_pdbx_unobs_or_zero_occ_atoms.label_alt_id 
_pdbx_unobs_or_zero_occ_atoms.label_asym_id 
_pdbx_unobs_or_zero_occ_atoms.label_comp_id 
_pdbx_unobs_or_zero_occ_atoms.label_seq_id 
_pdbx_unobs_or_zero_occ_atoms.label_atom_id 
1 1 Y 1 A DT 5  L P   ? A DT 12 P   
2 1 Y 1 A DT 5  L OP1 ? A DT 12 OP1 
3 1 Y 1 A DT 5  L OP2 ? A DT 12 OP2 
4 1 Y 1 A DT 10 L P   ? A DT 24 P   
5 1 Y 1 A DT 10 L OP1 ? A DT 24 OP1 
6 1 Y 1 A DT 10 L OP2 ? A DT 24 OP2 
# 
loop_
_software.name 
_software.classification 
_software.version 
_software.citation_id 
_software.pdbx_ordinal 
X-PLOR 'model building' . ? 1 
X-PLOR refinement       . ? 2 
X-PLOR phasing          . ? 3 
# 
_cell.entry_id           135D 
_cell.length_a           1.000 
_cell.length_b           1.000 
_cell.length_c           1.000 
_cell.angle_alpha        90.00 
_cell.angle_beta         90.00 
_cell.angle_gamma        90.00 
_cell.Z_PDB              1 
_cell.pdbx_unique_axis   ? 
# 
_symmetry.entry_id                         135D 
_symmetry.space_group_name_H-M             'P 1' 
_symmetry.pdbx_full_space_group_name_H-M   ? 
_symmetry.cell_setting                     ? 
_symmetry.Int_Tables_number                1 
# 
_exptl.entry_id          135D 
_exptl.method            'SOLUTION NMR' 
_exptl.crystals_number   ? 
# 
_struct.entry_id                  135D 
_struct.title                     
'SOLUTION STRUCTURE OF A PURINE(DOT)PURINE(DOT)PYRIMIDINE DNA TRIPLEX CONTAINING G(DOT)GC AND T(DOT)AT TRIPLES' 
_struct.pdbx_model_details        ? 
_struct.pdbx_CASP_flag            ? 
_struct.pdbx_model_type_details   ? 
# 
_struct_keywords.entry_id        135D 
_struct_keywords.pdbx_keywords   DNA 
_struct_keywords.text            'DNA, TRIPLEX' 
# 
_struct_asym.id                            A 
_struct_asym.pdbx_blank_PDB_chainid_flag   N 
_struct_asym.pdbx_modified                 N 
_struct_asym.entity_id                     1 
_struct_asym.details                       ? 
# 
_struct_ref.id                         1 
_struct_ref.entity_id                  1 
_struct_ref.db_name                    PDB 
_struct_ref.db_code                    135D 
_struct_ref.pdbx_db_accession          135D 
_struct_ref.pdbx_db_isoform            ? 
_struct_ref.pdbx_seq_one_letter_code   ? 
_struct_ref.pdbx_align_begin           ? 
# 
_struct_ref_seq.align_id                      1 
_struct_ref_seq.ref_id                        1 
_struct_ref_seq.pdbx_PDB_id_code              135D 
_struct_ref_seq.pdbx_strand_id                A 
_struct_ref_seq.seq_align_beg                 1 
_struct_ref_seq.pdbx_seq_align_beg_ins_code   ? 
_struct_ref_seq.seq_align_end                 31 
_struct_ref_seq.pdbx_seq_align_end_ins_code   ? 
_struct_ref_seq.pdbx_db_accession             135D 
_struct_ref_seq.db_align_beg                  1 
_struct_ref_seq.pdbx_db_align_beg_ins_code    ? 
_struct_ref_seq.db_align_end                  21 
_struct_ref_seq.pdbx_db_align_end_ins_code    ? 
_struct_ref_seq.pdbx_auth_seq_align_beg       1 
_struct_ref_seq.pdbx_auth_seq_align_end       21 
# 
_pdbx_struct_assembly.id                   1 
_pdbx_struct_assembly.details              author_defined_assembly 
_pdbx_struct_assembly.method_details       ? 
_pdbx_struct_assembly.oligomeric_details   monomeric 
_pdbx_struct_assembly.oligomeric_count     1 
# 
_pdbx_struct_assembly_gen.assembly_id       1 
_pdbx_struct_assembly_gen.oper_expression   1 
_pdbx_struct_assembly_gen.asym_id_list      A 
# 
_pdbx_struct_oper_list.id                   1 
_pdbx_struct_oper_list.type                 'identity operation' 
_pdbx_struct_oper_list.name                 1_555 
_pdbx_struct_oper_list.symmetry_operation   x,y,z 
_pdbx_struct_oper_list.matrix[1][1]         1.0000000000 
_pdbx_struct_oper_list.matrix[1][2]         0.0000000000 
_pdbx_struct_oper_list.matrix[1][3]         0.0000000000 
_pdbx_struct_oper_list.vector[1]            0.0000000000 
_pdbx_struct_oper_list.matrix[2][1]         0.0000000000 
_pdbx_struct_oper_list.matrix[2][2]         1.0000000000 
_pdbx_struct_oper_list.matrix[2][3]         0.0000000000 
_pdbx_struct_oper_list.vector[2]            0.0000000000 
_pdbx_struct_oper_list.matrix[3][1]         0.0000000000 
_pdbx_struct_oper_list.matrix[3][2]         0.0000000000 
_pdbx_struct_oper_list.matrix[3][3]         1.0000000000 
_pdbx_struct_oper_list.vector[3]            0.0000000000 
# 
_struct_biol.id        1 
_struct_biol.details   ? 
# 
loop_
_struct_conn.id 
_struct_conn.conn_type_id 
_struct_conn.pdbx_leaving_atom_flag 
_struct_conn.pdbx_PDB_id 
_struct_conn.ptnr1_label_asym_id 
_struct_conn.ptnr1_label_comp_id 
_struct_conn.ptnr1_label_seq_id 
_struct_conn.ptnr1_label_atom_id 
_struct_conn.pdbx_ptnr1_label_alt_id 
_struct_conn.pdbx_ptnr1_PDB_ins_code 
_struct_conn.pdbx_ptnr1_standard_comp_id 
_struct_conn.ptnr1_symmetry 
_struct_conn.ptnr2_label_asym_id 
_struct_conn.ptnr2_label_comp_id 
_struct_conn.ptnr2_label_seq_id 
_struct_conn.ptnr2_label_atom_id 
_struct_conn.pdbx_ptnr2_label_alt_id 
_struct_conn.pdbx_ptnr2_PDB_ins_code 
_struct_conn.ptnr1_auth_asym_id 
_struct_conn.ptnr1_auth_comp_id 
_struct_conn.ptnr1_auth_seq_id 
_struct_conn.ptnr2_auth_asym_id 
_struct_conn.ptnr2_auth_comp_id 
_struct_conn.ptnr2_auth_seq_id 
_struct_conn.ptnr2_symmetry 
_struct_conn.pdbx_ptnr3_label_atom_id 
_struct_conn.pdbx_ptnr3_label_seq_id 
_struct_conn.pdbx_ptnr3_label_comp_id 
_struct_conn.pdbx_ptnr3_label_asym_id 
_struct_conn.pdbx_ptnr3_label_alt_id 
_struct_conn.pdbx_ptnr3_PDB_ins_code 
_struct_conn.details 
_struct_conn.pdbx_dist_value 
_struct_conn.pdbx_value_order 
_struct_conn.pdbx_role 
hydrog1  hydrog ? ? A DT 1  N3 ? ? ? 1_555 A DA 19 N1 ? ? A DT 1  A DA 14 1_555 ? ? ? ? ? ? WATSON-CRICK         ? ? ? 
hydrog2  hydrog ? ? A DT 1  O4 ? ? ? 1_555 A DA 19 N6 ? ? A DT 1  A DA 14 1_555 ? ? ? ? ? ? WATSON-CRICK         ? ? ? 
hydrog3  hydrog ? ? A DC 2  N3 ? ? ? 1_555 A DG 18 N1 ? ? A DC 2  A DG 13 1_555 ? ? ? ? ? ? WATSON-CRICK         ? ? ? 
hydrog4  hydrog ? ? A DC 2  N4 ? ? ? 1_555 A DG 18 O6 ? ? A DC 2  A DG 13 1_555 ? ? ? ? ? ? WATSON-CRICK         ? ? ? 
hydrog5  hydrog ? ? A DC 2  O2 ? ? ? 1_555 A DG 18 N2 ? ? A DC 2  A DG 13 1_555 ? ? ? ? ? ? WATSON-CRICK         ? ? ? 
hydrog6  hydrog ? ? A DC 3  N3 ? ? ? 1_555 A DG 17 N1 ? ? A DC 3  A DG 12 1_555 ? ? ? ? ? ? WATSON-CRICK         ? ? ? 
hydrog7  hydrog ? ? A DC 3  N4 ? ? ? 1_555 A DG 17 O6 ? ? A DC 3  A DG 12 1_555 ? ? ? ? ? ? WATSON-CRICK         ? ? ? 
hydrog8  hydrog ? ? A DC 3  O2 ? ? ? 1_555 A DG 17 N2 ? ? A DC 3  A DG 12 1_555 ? ? ? ? ? ? WATSON-CRICK         ? ? ? 
hydrog9  hydrog ? ? A DT 4  N3 ? ? ? 1_555 A DA 16 N1 ? ? A DT 4  A DA 11 1_555 ? ? ? ? ? ? WATSON-CRICK         ? ? ? 
hydrog10 hydrog ? ? A DT 4  O4 ? ? ? 1_555 A DA 16 N6 ? ? A DT 4  A DA 11 1_555 ? ? ? ? ? ? WATSON-CRICK         ? ? ? 
hydrog11 hydrog ? ? A DC 5  N3 ? ? ? 1_555 A DG 15 N1 ? ? A DC 5  A DG 10 1_555 ? ? ? ? ? ? WATSON-CRICK         ? ? ? 
hydrog12 hydrog ? ? A DC 5  N4 ? ? ? 1_555 A DG 15 O6 ? ? A DC 5  A DG 10 1_555 ? ? ? ? ? ? WATSON-CRICK         ? ? ? 
hydrog13 hydrog ? ? A DC 5  O2 ? ? ? 1_555 A DG 15 N2 ? ? A DC 5  A DG 10 1_555 ? ? ? ? ? ? WATSON-CRICK         ? ? ? 
hydrog14 hydrog ? ? A DC 6  N3 ? ? ? 1_555 A DG 14 N1 ? ? A DC 6  A DG 9  1_555 ? ? ? ? ? ? WATSON-CRICK         ? ? ? 
hydrog15 hydrog ? ? A DC 6  N4 ? ? ? 1_555 A DG 14 O6 ? ? A DC 6  A DG 9  1_555 ? ? ? ? ? ? WATSON-CRICK         ? ? ? 
hydrog16 hydrog ? ? A DC 6  O2 ? ? ? 1_555 A DG 14 N2 ? ? A DC 6  A DG 9  1_555 ? ? ? ? ? ? WATSON-CRICK         ? ? ? 
hydrog17 hydrog ? ? A DT 7  N3 ? ? ? 1_555 A DA 13 N1 ? ? A DT 7  A DA 8  1_555 ? ? ? ? ? ? WATSON-CRICK         ? ? ? 
hydrog18 hydrog ? ? A DT 7  O4 ? ? ? 1_555 A DA 13 N6 ? ? A DT 7  A DA 8  1_555 ? ? ? ? ? ? WATSON-CRICK         ? ? ? 
hydrog19 hydrog ? ? A DT 8  N3 ? L ? 1_555 A DT 12 O4 ? L A DT 1  A DT 5  1_555 ? ? ? ? ? ? 'DT-DT MISPAIR'      ? ? ? 
hydrog20 hydrog ? ? A DA 13 N6 ? ? ? 1_555 A DT 31 O2 ? ? A DA 8  A DT 21 1_555 ? ? ? ? ? ? 'REVERSED HOOGSTEEN' ? ? ? 
hydrog21 hydrog ? ? A DA 13 N7 ? ? ? 1_555 A DT 31 N3 ? ? A DA 8  A DT 21 1_555 ? ? ? ? ? ? 'REVERSED HOOGSTEEN' ? ? ? 
hydrog22 hydrog ? ? A DG 14 N7 ? ? ? 1_555 A DG 30 N1 ? ? A DG 9  A DG 20 1_555 ? ? ? ? ? ? TYPE_7_PAIR          ? ? ? 
hydrog23 hydrog ? ? A DG 14 O6 ? ? ? 1_555 A DG 30 N2 ? ? A DG 9  A DG 20 1_555 ? ? ? ? ? ? TYPE_7_PAIR          ? ? ? 
hydrog24 hydrog ? ? A DG 15 N7 ? ? ? 1_555 A DG 29 N1 ? ? A DG 10 A DG 19 1_555 ? ? ? ? ? ? TYPE_7_PAIR          ? ? ? 
hydrog25 hydrog ? ? A DG 15 O6 ? ? ? 1_555 A DG 29 N2 ? ? A DG 10 A DG 19 1_555 ? ? ? ? ? ? TYPE_7_PAIR          ? ? ? 
hydrog26 hydrog ? ? A DA 16 N6 ? ? ? 1_555 A DT 28 O2 ? ? A DA 11 A DT 18 1_555 ? ? ? ? ? ? 'REVERSED HOOGSTEEN' ? ? ? 
hydrog27 hydrog ? ? A DA 16 N7 ? ? ? 1_555 A DT 28 N3 ? ? A DA 11 A DT 18 1_555 ? ? ? ? ? ? 'REVERSED HOOGSTEEN' ? ? ? 
hydrog28 hydrog ? ? A DG 17 N7 ? ? ? 1_555 A DG 27 N1 ? ? A DG 12 A DG 17 1_555 ? ? ? ? ? ? TYPE_7_PAIR          ? ? ? 
hydrog29 hydrog ? ? A DG 17 O6 ? ? ? 1_555 A DG 27 N2 ? ? A DG 12 A DG 17 1_555 ? ? ? ? ? ? TYPE_7_PAIR          ? ? ? 
hydrog30 hydrog ? ? A DG 18 N7 ? ? ? 1_555 A DG 26 N1 ? ? A DG 13 A DG 16 1_555 ? ? ? ? ? ? TYPE_7_PAIR          ? ? ? 
hydrog31 hydrog ? ? A DG 18 O6 ? ? ? 1_555 A DG 26 N2 ? ? A DG 13 A DG 16 1_555 ? ? ? ? ? ? TYPE_7_PAIR          ? ? ? 
hydrog32 hydrog ? ? A DA 19 N6 ? ? ? 1_555 A DT 25 O2 ? ? A DA 14 A DT 15 1_555 ? ? ? ? ? ? 'REVERSED HOOGSTEEN' ? ? ? 
hydrog33 hydrog ? ? A DA 19 N7 ? ? ? 1_555 A DT 25 N3 ? ? A DA 14 A DT 15 1_555 ? ? ? ? ? ? 'REVERSED HOOGSTEEN' ? ? ? 
hydrog34 hydrog ? ? A DT 20 N3 ? L ? 1_555 A DT 24 O2 ? L A DT 6  A DT 10 1_555 ? ? ? ? ? ? TYPE_13_PAIR         ? ? ? 
hydrog35 hydrog ? ? A DT 20 O2 ? L ? 1_555 A DT 24 N3 ? L A DT 6  A DT 10 1_555 ? ? ? ? ? ? TYPE_13_PAIR         ? ? ? 
# 
_struct_conn_type.id          hydrog 
_struct_conn_type.criteria    ? 
_struct_conn_type.reference   ? 
# 
loop_
_pdbx_validate_rmsd_bond.id 
_pdbx_validate_rmsd_bond.PDB_model_num 
_pdbx_validate_rmsd_bond.auth_atom_id_1 
_pdbx_validate_rmsd_bond.auth_asym_id_1 
_pdbx_validate_rmsd_bond.auth_comp_id_1 
_pdbx_validate_rmsd_bond.auth_seq_id_1 
_pdbx_validate_rmsd_bond.PDB_ins_code_1 
_pdbx_validate_rmsd_bond.label_alt_id_1 
_pdbx_validate_rmsd_bond.auth_atom_id_2 
_pdbx_validate_rmsd_bond.auth_asym_id_2 
_pdbx_validate_rmsd_bond.auth_comp_id_2 
_pdbx_validate_rmsd_bond.auth_seq_id_2 
_pdbx_validate_rmsd_bond.PDB_ins_code_2 
_pdbx_validate_rmsd_bond.label_alt_id_2 
_pdbx_validate_rmsd_bond.bond_value 
_pdbx_validate_rmsd_bond.bond_target_value 
_pdbx_validate_rmsd_bond.bond_deviation 
_pdbx_validate_rmsd_bond.bond_standard_deviation 
_pdbx_validate_rmsd_bond.linker_flag 
1  1 "C3'" A DT 1  ? ? "C2'" A DT 1  ? ? 1.596 1.518 0.078 0.012 N 
2  1 "C2'" A DT 1  ? ? "C1'" A DT 1  ? ? 1.582 1.519 0.063 0.010 N 
3  1 C5    A DT 1  ? ? C7    A DT 1  ? ? 1.534 1.496 0.038 0.006 N 
4  1 N1    A DC 2  ? ? C6    A DC 2  ? ? 1.407 1.367 0.040 0.006 N 
5  1 N1    A DC 3  ? ? C6    A DC 3  ? ? 1.404 1.367 0.037 0.006 N 
6  1 C5    A DT 4  ? ? C7    A DT 4  ? ? 1.538 1.496 0.042 0.006 N 
7  1 N1    A DC 5  ? ? C6    A DC 5  ? ? 1.414 1.367 0.047 0.006 N 
8  1 C5    A DT 7  ? ? C7    A DT 7  ? ? 1.546 1.496 0.050 0.006 N 
9  1 C5    A DT 5  L ? C7    A DT 5  L ? 1.538 1.496 0.042 0.006 N 
10 1 "C2'" A DA 8  ? ? "C1'" A DA 8  ? ? 1.584 1.519 0.065 0.010 N 
11 1 "C4'" A DG 9  ? ? "C3'" A DG 9  ? ? 1.646 1.529 0.117 0.010 N 
12 1 "C3'" A DG 9  ? ? "C2'" A DG 9  ? ? 1.642 1.518 0.124 0.012 N 
13 1 "C2'" A DG 9  ? ? "C1'" A DG 9  ? ? 1.582 1.519 0.063 0.010 N 
14 1 "C4'" A DA 11 ? ? "C3'" A DA 11 ? ? 1.590 1.529 0.061 0.010 N 
15 1 "C3'" A DA 11 ? ? "C2'" A DA 11 ? ? 1.618 1.518 0.100 0.012 N 
16 1 "C3'" A DT 6  L ? "C2'" A DT 6  L ? 1.600 1.518 0.082 0.012 N 
17 1 "C2'" A DT 6  L ? "C1'" A DT 6  L ? 1.621 1.519 0.102 0.010 N 
18 1 "C3'" A DT 15 ? ? "C2'" A DT 15 ? ? 1.641 1.518 0.123 0.012 N 
19 1 "C2'" A DT 15 ? ? "C1'" A DT 15 ? ? 1.582 1.519 0.063 0.010 N 
20 1 "C2'" A DG 17 ? ? "C1'" A DG 17 ? ? 1.602 1.519 0.083 0.010 N 
21 1 "C3'" A DT 18 ? ? "C2'" A DT 18 ? ? 1.646 1.518 0.128 0.012 N 
22 1 "C2'" A DT 18 ? ? "C1'" A DT 18 ? ? 1.630 1.519 0.111 0.010 N 
23 1 C5    A DT 18 ? ? C7    A DT 18 ? ? 1.539 1.496 0.043 0.006 N 
24 1 "C2'" A DG 19 ? ? "C1'" A DG 19 ? ? 1.604 1.519 0.085 0.010 N 
25 1 "C3'" A DG 20 ? ? "C2'" A DG 20 ? ? 1.595 1.518 0.077 0.012 N 
26 1 "C2'" A DG 20 ? ? "C1'" A DG 20 ? ? 1.617 1.519 0.098 0.010 N 
27 1 "C4'" A DT 21 ? ? "C3'" A DT 21 ? ? 1.609 1.529 0.080 0.010 N 
28 1 C5    A DT 21 ? ? C7    A DT 21 ? ? 1.537 1.496 0.041 0.006 N 
# 
loop_
_pdbx_validate_rmsd_angle.id 
_pdbx_validate_rmsd_angle.PDB_model_num 
_pdbx_validate_rmsd_angle.auth_atom_id_1 
_pdbx_validate_rmsd_angle.auth_asym_id_1 
_pdbx_validate_rmsd_angle.auth_comp_id_1 
_pdbx_validate_rmsd_angle.auth_seq_id_1 
_pdbx_validate_rmsd_angle.PDB_ins_code_1 
_pdbx_validate_rmsd_angle.label_alt_id_1 
_pdbx_validate_rmsd_angle.auth_atom_id_2 
_pdbx_validate_rmsd_angle.auth_asym_id_2 
_pdbx_validate_rmsd_angle.auth_comp_id_2 
_pdbx_validate_rmsd_angle.auth_seq_id_2 
_pdbx_validate_rmsd_angle.PDB_ins_code_2 
_pdbx_validate_rmsd_angle.label_alt_id_2 
_pdbx_validate_rmsd_angle.auth_atom_id_3 
_pdbx_validate_rmsd_angle.auth_asym_id_3 
_pdbx_validate_rmsd_angle.auth_comp_id_3 
_pdbx_validate_rmsd_angle.auth_seq_id_3 
_pdbx_validate_rmsd_angle.PDB_ins_code_3 
_pdbx_validate_rmsd_angle.label_alt_id_3 
_pdbx_validate_rmsd_angle.angle_value 
_pdbx_validate_rmsd_angle.angle_target_value 
_pdbx_validate_rmsd_angle.angle_deviation 
_pdbx_validate_rmsd_angle.angle_standard_deviation 
_pdbx_validate_rmsd_angle.linker_flag 
1  1 "O4'" A DT 1  ? ? "C1'" A DT 1  ? ? "C2'" A DT 1  ? ? 99.98  105.90 -5.92  0.80 N 
2  1 "O4'" A DT 1  ? ? "C1'" A DT 1  ? ? N1    A DT 1  ? ? 110.93 108.30 2.63   0.30 N 
3  1 "C4'" A DC 2  ? ? "C3'" A DC 2  ? ? "C2'" A DC 2  ? ? 97.96  102.20 -4.24  0.70 N 
4  1 "O4'" A DC 2  ? ? "C1'" A DC 2  ? ? "C2'" A DC 2  ? ? 100.84 105.90 -5.06  0.80 N 
5  1 N1    A DC 2  ? ? C2    A DC 2  ? ? O2    A DC 2  ? ? 123.15 118.90 4.25   0.60 N 
6  1 N3    A DC 2  ? ? C2    A DC 2  ? ? O2    A DC 2  ? ? 117.62 121.90 -4.28  0.70 N 
7  1 "O4'" A DC 3  ? ? "C1'" A DC 3  ? ? N1    A DC 3  ? ? 100.86 108.00 -7.14  0.70 N 
8  1 "C1'" A DT 4  ? ? "O4'" A DT 4  ? ? "C4'" A DT 4  ? ? 102.47 110.10 -7.63  1.00 N 
9  1 "O4'" A DT 4  ? ? "C1'" A DT 4  ? ? "C2'" A DT 4  ? ? 99.02  105.90 -6.88  0.80 N 
10 1 "O4'" A DT 4  ? ? "C1'" A DT 4  ? ? N1    A DT 4  ? ? 116.79 108.30 8.49   0.30 N 
11 1 N3    A DT 4  ? ? C2    A DT 4  ? ? O2    A DT 4  ? ? 118.47 122.30 -3.83  0.60 N 
12 1 N1    A DC 5  ? ? C2    A DC 5  ? ? O2    A DC 5  ? ? 122.89 118.90 3.99   0.60 N 
13 1 "C1'" A DT 7  ? ? "O4'" A DT 7  ? ? "C4'" A DT 7  ? ? 103.04 110.10 -7.06  1.00 N 
14 1 "O4'" A DT 7  ? ? "C1'" A DT 7  ? ? "C2'" A DT 7  ? ? 99.51  105.90 -6.39  0.80 N 
15 1 "O4'" A DT 7  ? ? "C1'" A DT 7  ? ? N1    A DT 7  ? ? 112.78 108.30 4.48   0.30 N 
16 1 C6    A DT 1  L ? C5    A DT 1  L ? C7    A DT 1  L ? 118.08 122.90 -4.82  0.60 N 
17 1 C6    A DT 5  L ? C5    A DT 5  L ? C7    A DT 5  L ? 118.99 122.90 -3.91  0.60 N 
18 1 "O4'" A DG 9  ? ? "C1'" A DG 9  ? ? N9    A DG 9  ? ? 110.19 108.30 1.89   0.30 N 
19 1 "O4'" A DG 10 ? ? "C1'" A DG 10 ? ? "C2'" A DG 10 ? ? 100.98 105.90 -4.92  0.80 N 
20 1 "O4'" A DG 10 ? ? "C1'" A DG 10 ? ? N9    A DG 10 ? ? 111.52 108.30 3.22   0.30 N 
21 1 "O4'" A DA 11 ? ? "C1'" A DA 11 ? ? N9    A DA 11 ? ? 112.94 108.30 4.64   0.30 N 
22 1 "O4'" A DG 13 ? ? "C1'" A DG 13 ? ? "C2'" A DG 13 ? ? 97.11  105.90 -8.79  0.80 N 
23 1 "O4'" A DG 13 ? ? "C1'" A DG 13 ? ? N9    A DG 13 ? ? 113.19 108.30 4.89   0.30 N 
24 1 "O4'" A DA 14 ? ? "C1'" A DA 14 ? ? N9    A DA 14 ? ? 115.21 108.30 6.91   0.30 N 
25 1 "O4'" A DT 6  L ? "C1'" A DT 6  L ? N1    A DT 6  L ? 99.27  108.00 -8.73  0.70 N 
26 1 C4    A DT 6  L ? C5    A DT 6  L ? C6    A DT 6  L ? 122.11 118.00 4.11   0.60 N 
27 1 C6    A DT 6  L ? C5    A DT 6  L ? C7    A DT 6  L ? 119.15 122.90 -3.75  0.60 N 
28 1 "C1'" A DT 10 L ? "O4'" A DT 10 L ? "C4'" A DT 10 L ? 103.75 110.10 -6.35  1.00 N 
29 1 "O4'" A DT 10 L ? "C1'" A DT 10 L ? "C2'" A DT 10 L ? 100.21 105.90 -5.69  0.80 N 
30 1 "O4'" A DT 10 L ? "C1'" A DT 10 L ? N1    A DT 10 L ? 111.48 108.30 3.18   0.30 N 
31 1 "C1'" A DT 15 ? ? "O4'" A DT 15 ? ? "C4'" A DT 15 ? ? 101.73 110.10 -8.37  1.00 N 
32 1 "C4'" A DT 15 ? ? "C3'" A DT 15 ? ? "C2'" A DT 15 ? ? 93.72  102.20 -8.48  0.70 N 
33 1 "O4'" A DT 15 ? ? "C1'" A DT 15 ? ? N1    A DT 15 ? ? 114.02 108.30 5.72   0.30 N 
34 1 N1    A DT 15 ? ? C2    A DT 15 ? ? N3    A DT 15 ? ? 118.55 114.60 3.95   0.60 N 
35 1 C6    A DT 15 ? ? C5    A DT 15 ? ? C7    A DT 15 ? ? 118.98 122.90 -3.92  0.60 N 
36 1 "O4'" A DG 16 ? ? "C1'" A DG 16 ? ? "C2'" A DG 16 ? ? 100.76 105.90 -5.14  0.80 N 
37 1 "C1'" A DG 17 ? ? "O4'" A DG 17 ? ? "C4'" A DG 17 ? ? 114.65 110.30 4.35   0.70 N 
38 1 "C4'" A DT 18 ? ? "C3'" A DT 18 ? ? "C2'" A DT 18 ? ? 97.73  102.20 -4.47  0.70 N 
39 1 N3    A DT 18 ? ? C2    A DT 18 ? ? O2    A DT 18 ? ? 118.66 122.30 -3.64  0.60 N 
40 1 C6    A DT 18 ? ? C5    A DT 18 ? ? C7    A DT 18 ? ? 117.06 122.90 -5.84  0.60 N 
41 1 "O3'" A DG 19 ? ? P     A DG 20 ? ? "O5'" A DG 20 ? ? 92.40  104.00 -11.60 1.90 Y 
42 1 "C1'" A DG 20 ? ? "O4'" A DG 20 ? ? "C4'" A DG 20 ? ? 115.92 110.30 5.62   0.70 N 
43 1 "O4'" A DT 21 ? ? "C4'" A DT 21 ? ? "C3'" A DT 21 ? ? 100.95 104.50 -3.55  0.40 N 
44 1 "C1'" A DT 21 ? ? "O4'" A DT 21 ? ? "C4'" A DT 21 ? ? 103.76 110.10 -6.34  1.00 N 
45 1 "C4'" A DT 21 ? ? "C3'" A DT 21 ? ? "C2'" A DT 21 ? ? 96.98  102.20 -5.22  0.70 N 
46 1 C6    A DT 21 ? ? C5    A DT 21 ? ? C7    A DT 21 ? ? 119.28 122.90 -3.62  0.60 N 
# 
_pdbx_nmr_ensemble.entry_id                                      135D 
_pdbx_nmr_ensemble.conformers_calculated_total_number            ? 
_pdbx_nmr_ensemble.conformers_submitted_total_number             1 
_pdbx_nmr_ensemble.conformer_selection_criteria                  ? 
_pdbx_nmr_ensemble.average_constraints_per_residue               ? 
_pdbx_nmr_ensemble.average_constraint_violations_per_residue     ? 
_pdbx_nmr_ensemble.maximum_distance_constraint_violation         ? 
_pdbx_nmr_ensemble.average_distance_constraint_violation         ? 
_pdbx_nmr_ensemble.maximum_upper_distance_constraint_violation   ? 
_pdbx_nmr_ensemble.maximum_lower_distance_constraint_violation   ? 
_pdbx_nmr_ensemble.distance_constraint_violation_method          ? 
_pdbx_nmr_ensemble.maximum_torsion_angle_constraint_violation    ? 
_pdbx_nmr_ensemble.average_torsion_angle_constraint_violation    ? 
_pdbx_nmr_ensemble.torsion_angle_constraint_violation_method     ? 
# 
_pdbx_nmr_refine.entry_id           135D 
_pdbx_nmr_refine.method             'RESTRAINED MOLECULAR DYNAMICS, DISTANCE GEOMETRY' 
_pdbx_nmr_refine.details            
;RESTRAINED MOLECULAR DYNAMICS CALCULATIONS WERE DONE ONIDEALIZED A'- AND B-FORM STARTING STRUCTURES. ONLY THE TRIPLEX REGION AND THE FIRST AND LAST RESIDUES OF EACH OF THE TWO LOOPS IN THE SEQUENCE WERE CONSIDERED. THE REFINEMENT WAS CONDUCTED IN TWO STAGES. IN THE FIRST STAGE, SIX STRUCTURES WERE CALCULATED (THREE FROM EACH STARTING STRUCTURE) USING DISTANCE RESTRAINTS. IN THE SECOND STAGE, TWO OF THE SIX STRUCTURES WERE REFINED DIRECTLY AGAINST PRIMARY NOE DATA. THE R(1/6) VALUE WAS USED TO MONITOR THE REFINEMENT DURING THIS STAGE. THE FINAL R(1/6) VALUES FOR THE TWO AVERAGED MINIMIZED STRUCTURES WERE 0.04 AND 0.045.
;
_pdbx_nmr_refine.software_ordinal   1 
# 
_pdbx_nmr_software.name             X-PLOR 
_pdbx_nmr_software.version          ? 
_pdbx_nmr_software.classification   refinement 
_pdbx_nmr_software.authors          BRUNGER 
_pdbx_nmr_software.ordinal          1 
# 
loop_
_pdbx_unobs_or_zero_occ_residues.id 
_pdbx_unobs_or_zero_occ_residues.PDB_model_num 
_pdbx_unobs_or_zero_occ_residues.polymer_flag 
_pdbx_unobs_or_zero_occ_residues.occupancy_flag 
_pdbx_unobs_or_zero_occ_residues.auth_asym_id 
_pdbx_unobs_or_zero_occ_residues.auth_comp_id 
_pdbx_unobs_or_zero_occ_residues.auth_seq_id 
_pdbx_unobs_or_zero_occ_residues.PDB_ins_code 
_pdbx_unobs_or_zero_occ_residues.label_asym_id 
_pdbx_unobs_or_zero_occ_residues.label_comp_id 
_pdbx_unobs_or_zero_occ_residues.label_seq_id 
1 1 Y 1 A DT 2 L A DT 9  
2 1 Y 1 A DT 3 L A DT 10 
3 1 Y 1 A DT 4 L A DT 11 
4 1 Y 1 A DT 7 L A DT 21 
5 1 Y 1 A DT 8 L A DT 22 
6 1 Y 1 A DT 9 L A DT 23 
# 
loop_
_chem_comp_atom.comp_id 
_chem_comp_atom.atom_id 
_chem_comp_atom.type_symbol 
_chem_comp_atom.pdbx_aromatic_flag 
_chem_comp_atom.pdbx_stereo_config 
_chem_comp_atom.pdbx_ordinal 
DA OP3    O N N 1   
DA P      P N N 2   
DA OP1    O N N 3   
DA OP2    O N N 4   
DA "O5'"  O N N 5   
DA "C5'"  C N N 6   
DA "C4'"  C N R 7   
DA "O4'"  O N N 8   
DA "C3'"  C N S 9   
DA "O3'"  O N N 10  
DA "C2'"  C N N 11  
DA "C1'"  C N R 12  
DA N9     N Y N 13  
DA C8     C Y N 14  
DA N7     N Y N 15  
DA C5     C Y N 16  
DA C6     C Y N 17  
DA N6     N N N 18  
DA N1     N Y N 19  
DA C2     C Y N 20  
DA N3     N Y N 21  
DA C4     C Y N 22  
DA HOP3   H N N 23  
DA HOP2   H N N 24  
DA "H5'"  H N N 25  
DA "H5''" H N N 26  
DA "H4'"  H N N 27  
DA "H3'"  H N N 28  
DA "HO3'" H N N 29  
DA "H2'"  H N N 30  
DA "H2''" H N N 31  
DA "H1'"  H N N 32  
DA H8     H N N 33  
DA H61    H N N 34  
DA H62    H N N 35  
DA H2     H N N 36  
DC OP3    O N N 37  
DC P      P N N 38  
DC OP1    O N N 39  
DC OP2    O N N 40  
DC "O5'"  O N N 41  
DC "C5'"  C N N 42  
DC "C4'"  C N R 43  
DC "O4'"  O N N 44  
DC "C3'"  C N S 45  
DC "O3'"  O N N 46  
DC "C2'"  C N N 47  
DC "C1'"  C N R 48  
DC N1     N N N 49  
DC C2     C N N 50  
DC O2     O N N 51  
DC N3     N N N 52  
DC C4     C N N 53  
DC N4     N N N 54  
DC C5     C N N 55  
DC C6     C N N 56  
DC HOP3   H N N 57  
DC HOP2   H N N 58  
DC "H5'"  H N N 59  
DC "H5''" H N N 60  
DC "H4'"  H N N 61  
DC "H3'"  H N N 62  
DC "HO3'" H N N 63  
DC "H2'"  H N N 64  
DC "H2''" H N N 65  
DC "H1'"  H N N 66  
DC H41    H N N 67  
DC H42    H N N 68  
DC H5     H N N 69  
DC H6     H N N 70  
DG OP3    O N N 71  
DG P      P N N 72  
DG OP1    O N N 73  
DG OP2    O N N 74  
DG "O5'"  O N N 75  
DG "C5'"  C N N 76  
DG "C4'"  C N R 77  
DG "O4'"  O N N 78  
DG "C3'"  C N S 79  
DG "O3'"  O N N 80  
DG "C2'"  C N N 81  
DG "C1'"  C N R 82  
DG N9     N Y N 83  
DG C8     C Y N 84  
DG N7     N Y N 85  
DG C5     C Y N 86  
DG C6     C N N 87  
DG O6     O N N 88  
DG N1     N N N 89  
DG C2     C N N 90  
DG N2     N N N 91  
DG N3     N N N 92  
DG C4     C Y N 93  
DG HOP3   H N N 94  
DG HOP2   H N N 95  
DG "H5'"  H N N 96  
DG "H5''" H N N 97  
DG "H4'"  H N N 98  
DG "H3'"  H N N 99  
DG "HO3'" H N N 100 
DG "H2'"  H N N 101 
DG "H2''" H N N 102 
DG "H1'"  H N N 103 
DG H8     H N N 104 
DG H1     H N N 105 
DG H21    H N N 106 
DG H22    H N N 107 
DT OP3    O N N 108 
DT P      P N N 109 
DT OP1    O N N 110 
DT OP2    O N N 111 
DT "O5'"  O N N 112 
DT "C5'"  C N N 113 
DT "C4'"  C N R 114 
DT "O4'"  O N N 115 
DT "C3'"  C N S 116 
DT "O3'"  O N N 117 
DT "C2'"  C N N 118 
DT "C1'"  C N R 119 
DT N1     N N N 120 
DT C2     C N N 121 
DT O2     O N N 122 
DT N3     N N N 123 
DT C4     C N N 124 
DT O4     O N N 125 
DT C5     C N N 126 
DT C7     C N N 127 
DT C6     C N N 128 
DT HOP3   H N N 129 
DT HOP2   H N N 130 
DT "H5'"  H N N 131 
DT "H5''" H N N 132 
DT "H4'"  H N N 133 
DT "H3'"  H N N 134 
DT "HO3'" H N N 135 
DT "H2'"  H N N 136 
DT "H2''" H N N 137 
DT "H1'"  H N N 138 
DT H3     H N N 139 
DT H71    H N N 140 
DT H72    H N N 141 
DT H73    H N N 142 
DT H6     H N N 143 
# 
loop_
_chem_comp_bond.comp_id 
_chem_comp_bond.atom_id_1 
_chem_comp_bond.atom_id_2 
_chem_comp_bond.value_order 
_chem_comp_bond.pdbx_aromatic_flag 
_chem_comp_bond.pdbx_stereo_config 
_chem_comp_bond.pdbx_ordinal 
DA OP3   P      sing N N 1   
DA OP3   HOP3   sing N N 2   
DA P     OP1    doub N N 3   
DA P     OP2    sing N N 4   
DA P     "O5'"  sing N N 5   
DA OP2   HOP2   sing N N 6   
DA "O5'" "C5'"  sing N N 7   
DA "C5'" "C4'"  sing N N 8   
DA "C5'" "H5'"  sing N N 9   
DA "C5'" "H5''" sing N N 10  
DA "C4'" "O4'"  sing N N 11  
DA "C4'" "C3'"  sing N N 12  
DA "C4'" "H4'"  sing N N 13  
DA "O4'" "C1'"  sing N N 14  
DA "C3'" "O3'"  sing N N 15  
DA "C3'" "C2'"  sing N N 16  
DA "C3'" "H3'"  sing N N 17  
DA "O3'" "HO3'" sing N N 18  
DA "C2'" "C1'"  sing N N 19  
DA "C2'" "H2'"  sing N N 20  
DA "C2'" "H2''" sing N N 21  
DA "C1'" N9     sing N N 22  
DA "C1'" "H1'"  sing N N 23  
DA N9    C8     sing Y N 24  
DA N9    C4     sing Y N 25  
DA C8    N7     doub Y N 26  
DA C8    H8     sing N N 27  
DA N7    C5     sing Y N 28  
DA C5    C6     sing Y N 29  
DA C5    C4     doub Y N 30  
DA C6    N6     sing N N 31  
DA C6    N1     doub Y N 32  
DA N6    H61    sing N N 33  
DA N6    H62    sing N N 34  
DA N1    C2     sing Y N 35  
DA C2    N3     doub Y N 36  
DA C2    H2     sing N N 37  
DA N3    C4     sing Y N 38  
DC OP3   P      sing N N 39  
DC OP3   HOP3   sing N N 40  
DC P     OP1    doub N N 41  
DC P     OP2    sing N N 42  
DC P     "O5'"  sing N N 43  
DC OP2   HOP2   sing N N 44  
DC "O5'" "C5'"  sing N N 45  
DC "C5'" "C4'"  sing N N 46  
DC "C5'" "H5'"  sing N N 47  
DC "C5'" "H5''" sing N N 48  
DC "C4'" "O4'"  sing N N 49  
DC "C4'" "C3'"  sing N N 50  
DC "C4'" "H4'"  sing N N 51  
DC "O4'" "C1'"  sing N N 52  
DC "C3'" "O3'"  sing N N 53  
DC "C3'" "C2'"  sing N N 54  
DC "C3'" "H3'"  sing N N 55  
DC "O3'" "HO3'" sing N N 56  
DC "C2'" "C1'"  sing N N 57  
DC "C2'" "H2'"  sing N N 58  
DC "C2'" "H2''" sing N N 59  
DC "C1'" N1     sing N N 60  
DC "C1'" "H1'"  sing N N 61  
DC N1    C2     sing N N 62  
DC N1    C6     sing N N 63  
DC C2    O2     doub N N 64  
DC C2    N3     sing N N 65  
DC N3    C4     doub N N 66  
DC C4    N4     sing N N 67  
DC C4    C5     sing N N 68  
DC N4    H41    sing N N 69  
DC N4    H42    sing N N 70  
DC C5    C6     doub N N 71  
DC C5    H5     sing N N 72  
DC C6    H6     sing N N 73  
DG OP3   P      sing N N 74  
DG OP3   HOP3   sing N N 75  
DG P     OP1    doub N N 76  
DG P     OP2    sing N N 77  
DG P     "O5'"  sing N N 78  
DG OP2   HOP2   sing N N 79  
DG "O5'" "C5'"  sing N N 80  
DG "C5'" "C4'"  sing N N 81  
DG "C5'" "H5'"  sing N N 82  
DG "C5'" "H5''" sing N N 83  
DG "C4'" "O4'"  sing N N 84  
DG "C4'" "C3'"  sing N N 85  
DG "C4'" "H4'"  sing N N 86  
DG "O4'" "C1'"  sing N N 87  
DG "C3'" "O3'"  sing N N 88  
DG "C3'" "C2'"  sing N N 89  
DG "C3'" "H3'"  sing N N 90  
DG "O3'" "HO3'" sing N N 91  
DG "C2'" "C1'"  sing N N 92  
DG "C2'" "H2'"  sing N N 93  
DG "C2'" "H2''" sing N N 94  
DG "C1'" N9     sing N N 95  
DG "C1'" "H1'"  sing N N 96  
DG N9    C8     sing Y N 97  
DG N9    C4     sing Y N 98  
DG C8    N7     doub Y N 99  
DG C8    H8     sing N N 100 
DG N7    C5     sing Y N 101 
DG C5    C6     sing N N 102 
DG C5    C4     doub Y N 103 
DG C6    O6     doub N N 104 
DG C6    N1     sing N N 105 
DG N1    C2     sing N N 106 
DG N1    H1     sing N N 107 
DG C2    N2     sing N N 108 
DG C2    N3     doub N N 109 
DG N2    H21    sing N N 110 
DG N2    H22    sing N N 111 
DG N3    C4     sing N N 112 
DT OP3   P      sing N N 113 
DT OP3   HOP3   sing N N 114 
DT P     OP1    doub N N 115 
DT P     OP2    sing N N 116 
DT P     "O5'"  sing N N 117 
DT OP2   HOP2   sing N N 118 
DT "O5'" "C5'"  sing N N 119 
DT "C5'" "C4'"  sing N N 120 
DT "C5'" "H5'"  sing N N 121 
DT "C5'" "H5''" sing N N 122 
DT "C4'" "O4'"  sing N N 123 
DT "C4'" "C3'"  sing N N 124 
DT "C4'" "H4'"  sing N N 125 
DT "O4'" "C1'"  sing N N 126 
DT "C3'" "O3'"  sing N N 127 
DT "C3'" "C2'"  sing N N 128 
DT "C3'" "H3'"  sing N N 129 
DT "O3'" "HO3'" sing N N 130 
DT "C2'" "C1'"  sing N N 131 
DT "C2'" "H2'"  sing N N 132 
DT "C2'" "H2''" sing N N 133 
DT "C1'" N1     sing N N 134 
DT "C1'" "H1'"  sing N N 135 
DT N1    C2     sing N N 136 
DT N1    C6     sing N N 137 
DT C2    O2     doub N N 138 
DT C2    N3     sing N N 139 
DT N3    C4     sing N N 140 
DT N3    H3     sing N N 141 
DT C4    O4     doub N N 142 
DT C4    C5     sing N N 143 
DT C5    C7     sing N N 144 
DT C5    C6     doub N N 145 
DT C7    H71    sing N N 146 
DT C7    H72    sing N N 147 
DT C7    H73    sing N N 148 
DT C6    H6     sing N N 149 
# 
loop_
_ndb_struct_conf_na.entry_id 
_ndb_struct_conf_na.feature 
135D 'double helix'        
135D 'b-form double helix' 
135D 'hairpin loop'        
135D 'triple helix'        
# 
loop_
_ndb_struct_na_base_pair.model_number 
_ndb_struct_na_base_pair.i_label_asym_id 
_ndb_struct_na_base_pair.i_label_comp_id 
_ndb_struct_na_base_pair.i_label_seq_id 
_ndb_struct_na_base_pair.i_symmetry 
_ndb_struct_na_base_pair.j_label_asym_id 
_ndb_struct_na_base_pair.j_label_comp_id 
_ndb_struct_na_base_pair.j_label_seq_id 
_ndb_struct_na_base_pair.j_symmetry 
_ndb_struct_na_base_pair.shear 
_ndb_struct_na_base_pair.stretch 
_ndb_struct_na_base_pair.stagger 
_ndb_struct_na_base_pair.buckle 
_ndb_struct_na_base_pair.propeller 
_ndb_struct_na_base_pair.opening 
_ndb_struct_na_base_pair.pair_number 
_ndb_struct_na_base_pair.pair_name 
_ndb_struct_na_base_pair.i_auth_asym_id 
_ndb_struct_na_base_pair.i_auth_seq_id 
_ndb_struct_na_base_pair.i_PDB_ins_code 
_ndb_struct_na_base_pair.j_auth_asym_id 
_ndb_struct_na_base_pair.j_auth_seq_id 
_ndb_struct_na_base_pair.j_PDB_ins_code 
_ndb_struct_na_base_pair.hbond_type_28 
_ndb_struct_na_base_pair.hbond_type_12 
1 A DT 12 1_555 A DT 8  1_555 -2.477 -1.574 0.755  -14.402 -5.362  -10.408 1 A_DT5L:DT1L_A  A 5  L A 1  L ?  ? 
1 A DA 13 1_555 A DT 7  1_555 0.032  -0.162 0.112  7.295   -7.242  1.453   2 A_DA8:DT7_A    A 8  ? A 7  ? 20 1 
1 A DG 14 1_555 A DC 6  1_555 -0.683 -0.339 -0.512 -1.477  -10.757 0.949   3 A_DG9:DC6_A    A 9  ? A 6  ? 19 1 
1 A DG 15 1_555 A DC 5  1_555 -0.393 -0.253 0.176  -6.828  -4.426  -2.597  4 A_DG10:DC5_A   A 10 ? A 5  ? 19 1 
1 A DA 16 1_555 A DT 4  1_555 0.003  -0.221 0.233  0.152   -13.855 4.230   5 A_DA11:DT4_A   A 11 ? A 4  ? 20 1 
1 A DG 17 1_555 A DC 3  1_555 -0.755 -0.349 -0.307 -7.273  -14.638 2.937   6 A_DG12:DC3_A   A 12 ? A 3  ? 19 1 
1 A DG 18 1_555 A DC 2  1_555 -0.291 -0.175 -0.171 -5.824  -4.620  -3.751  7 A_DG13:DC2_A   A 13 ? A 2  ? 19 1 
1 A DA 19 1_555 A DT 1  1_555 -0.005 -0.504 -1.180 -14.662 -17.342 5.462   8 A_DA14:DT1_A   A 14 ? A 1  ? 20 1 
1 A DT 20 1_555 A DT 24 1_555 2.943  3.435  -0.849 -38.856 -6.894  152.402 9 A_DT6L:DT10L_A A 6  L A 10 L 13 2 
# 
loop_
_ndb_struct_na_base_pair_step.model_number 
_ndb_struct_na_base_pair_step.i_label_asym_id_1 
_ndb_struct_na_base_pair_step.i_label_comp_id_1 
_ndb_struct_na_base_pair_step.i_label_seq_id_1 
_ndb_struct_na_base_pair_step.i_symmetry_1 
_ndb_struct_na_base_pair_step.j_label_asym_id_1 
_ndb_struct_na_base_pair_step.j_label_comp_id_1 
_ndb_struct_na_base_pair_step.j_label_seq_id_1 
_ndb_struct_na_base_pair_step.j_symmetry_1 
_ndb_struct_na_base_pair_step.i_label_asym_id_2 
_ndb_struct_na_base_pair_step.i_label_comp_id_2 
_ndb_struct_na_base_pair_step.i_label_seq_id_2 
_ndb_struct_na_base_pair_step.i_symmetry_2 
_ndb_struct_na_base_pair_step.j_label_asym_id_2 
_ndb_struct_na_base_pair_step.j_label_comp_id_2 
_ndb_struct_na_base_pair_step.j_label_seq_id_2 
_ndb_struct_na_base_pair_step.j_symmetry_2 
_ndb_struct_na_base_pair_step.shift 
_ndb_struct_na_base_pair_step.slide 
_ndb_struct_na_base_pair_step.rise 
_ndb_struct_na_base_pair_step.tilt 
_ndb_struct_na_base_pair_step.roll 
_ndb_struct_na_base_pair_step.twist 
_ndb_struct_na_base_pair_step.x_displacement 
_ndb_struct_na_base_pair_step.y_displacement 
_ndb_struct_na_base_pair_step.helical_rise 
_ndb_struct_na_base_pair_step.inclination 
_ndb_struct_na_base_pair_step.tip 
_ndb_struct_na_base_pair_step.helical_twist 
_ndb_struct_na_base_pair_step.step_number 
_ndb_struct_na_base_pair_step.step_name 
_ndb_struct_na_base_pair_step.i_auth_asym_id_1 
_ndb_struct_na_base_pair_step.i_auth_seq_id_1 
_ndb_struct_na_base_pair_step.i_PDB_ins_code_1 
_ndb_struct_na_base_pair_step.j_auth_asym_id_1 
_ndb_struct_na_base_pair_step.j_auth_seq_id_1 
_ndb_struct_na_base_pair_step.j_PDB_ins_code_1 
_ndb_struct_na_base_pair_step.i_auth_asym_id_2 
_ndb_struct_na_base_pair_step.i_auth_seq_id_2 
_ndb_struct_na_base_pair_step.i_PDB_ins_code_2 
_ndb_struct_na_base_pair_step.j_auth_asym_id_2 
_ndb_struct_na_base_pair_step.j_auth_seq_id_2 
_ndb_struct_na_base_pair_step.j_PDB_ins_code_2 
1 A DT 12 1_555 A DT 8 1_555 A DA 13 1_555 A DT 7  1_555 0.380  -0.871 3.103 4.693  -3.506 39.989  -0.881 -0.040 3.188 -5.093  
-6.818  40.398  1 AA_DT5LDA8:DT7DT1L_AA   A 5  L A 1 L A 8  ? A 7  ? 
1 A DA 13 1_555 A DT 7 1_555 A DG 14 1_555 A DC 6  1_555 -0.247 -1.603 3.936 1.291  -4.994 21.221  -1.777 1.288  4.175 -13.308 
-3.441  21.832  2 AA_DA8DG9:DC6DT7_AA     A 8  ? A 7 ? A 9  ? A 6  ? 
1 A DG 14 1_555 A DC 6 1_555 A DG 15 1_555 A DC 5  1_555 -0.079 -1.184 3.667 -3.054 2.401  31.512  -2.654 -0.477 3.561 4.399   
5.597   31.744  3 AA_DG9DG10:DC5DC6_AA    A 9  ? A 6 ? A 10 ? A 5  ? 
1 A DG 15 1_555 A DC 5 1_555 A DA 16 1_555 A DT 4  1_555 1.534  -0.783 3.701 0.053  -9.066 35.921  0.183  -2.408 3.784 -14.419 
-0.085  37.011  4 AA_DG10DA11:DT4DC5_AA   A 10 ? A 5 ? A 11 ? A 4  ? 
1 A DA 16 1_555 A DT 4 1_555 A DG 17 1_555 A DC 3  1_555 -0.767 -1.039 3.735 6.857  1.216  20.496  -3.298 5.035  3.243 3.297   
-18.592 21.635  5 AA_DA11DG12:DC3DT4_AA   A 11 ? A 4 ? A 12 ? A 3  ? 
1 A DG 17 1_555 A DC 3 1_555 A DG 18 1_555 A DC 2  1_555 0.144  -1.087 3.212 -0.791 -0.052 35.850  -1.758 -0.345 3.209 -0.085  
1.285   35.858  6 AA_DG12DG13:DC2DC3_AA   A 12 ? A 3 ? A 13 ? A 2  ? 
1 A DG 18 1_555 A DC 2 1_555 A DA 19 1_555 A DT 1  1_555 0.665  -1.058 3.634 1.640  9.509  35.191  -3.110 -0.819 3.275 15.374  
-2.651  36.450  7 AA_DG13DA14:DT1DC2_AA   A 13 ? A 2 ? A 14 ? A 1  ? 
1 A DA 19 1_555 A DT 1 1_555 A DT 20 1_555 A DT 24 1_555 -0.115 -1.010 3.597 2.395  -1.420 -23.764 2.941  0.574  3.526 3.433   
5.791   -23.925 8 AA_DA14DT6L:DT10LDT1_AA A 14 ? A 1 ? A 6  L A 10 L 
# 
_atom_sites.entry_id                    135D 
_atom_sites.fract_transf_matrix[1][1]   1.000000 
_atom_sites.fract_transf_matrix[1][2]   0.000000 
_atom_sites.fract_transf_matrix[1][3]   0.000000 
_atom_sites.fract_transf_matrix[2][1]   0.000000 
_atom_sites.fract_transf_matrix[2][2]   1.000000 
_atom_sites.fract_transf_matrix[2][3]   0.000000 
_atom_sites.fract_transf_matrix[3][1]   0.000000 
_atom_sites.fract_transf_matrix[3][2]   0.000000 
_atom_sites.fract_transf_matrix[3][3]   1.000000 
_atom_sites.fract_transf_vector[1]      0.00000 
_atom_sites.fract_transf_vector[2]      0.00000 
_atom_sites.fract_transf_vector[3]      0.00000 
# 
loop_
_atom_type.symbol 
C 
H 
N 
O 
P 
# 
loop_
_atom_site.group_PDB 
_atom_site.id 
_atom_site.type_symbol 
_atom_site.label_atom_id 
_atom_site.label_alt_id 
_atom_site.label_comp_id 
_atom_site.label_asym_id 
_atom_site.label_entity_id 
_atom_site.label_seq_id 
_atom_site.pdbx_PDB_ins_code 
_atom_site.Cartn_x 
_atom_site.Cartn_y 
_atom_site.Cartn_z 
_atom_site.occupancy 
_atom_site.B_iso_or_equiv 
_atom_site.pdbx_formal_charge 
_atom_site.auth_seq_id 
_atom_site.auth_comp_id 
_atom_site.auth_asym_id 
_atom_site.auth_atom_id 
_atom_site.pdbx_PDB_model_num 
ATOM 1   O "O5'"  . DT A 1 1  ? -1.917  -15.293 -1.285  1.00 0.82 ? 1  DT A "O5'"  1 
ATOM 2   C "C5'"  . DT A 1 1  ? -1.996  -15.938 -0.008  1.00 0.71 ? 1  DT A "C5'"  1 
ATOM 3   C "C4'"  . DT A 1 1  ? -1.709  -14.953 1.120   1.00 0.52 ? 1  DT A "C4'"  1 
ATOM 4   O "O4'"  . DT A 1 1  ? -0.342  -14.483 1.083   1.00 0.48 ? 1  DT A "O4'"  1 
ATOM 5   C "C3'"  . DT A 1 1  ? -2.590  -13.706 0.957   1.00 0.49 ? 1  DT A "C3'"  1 
ATOM 6   O "O3'"  . DT A 1 1  ? -3.770  -13.724 1.767   1.00 0.52 ? 1  DT A "O3'"  1 
ATOM 7   C "C2'"  . DT A 1 1  ? -1.609  -12.618 1.590   1.00 0.43 ? 1  DT A "C2'"  1 
ATOM 8   C "C1'"  . DT A 1 1  ? -0.269  -13.366 1.976   1.00 0.40 ? 1  DT A "C1'"  1 
ATOM 9   N N1     . DT A 1 1  ? 0.897   -12.505 1.655   1.00 0.38 ? 1  DT A N1     1 
ATOM 10  C C2     . DT A 1 1  ? 1.655   -12.067 2.728   1.00 0.31 ? 1  DT A C2     1 
ATOM 11  O O2     . DT A 1 1  ? 1.427   -12.343 3.902   1.00 0.31 ? 1  DT A O2     1 
ATOM 12  N N3     . DT A 1 1  ? 2.720   -11.272 2.435   1.00 0.30 ? 1  DT A N3     1 
ATOM 13  C C4     . DT A 1 1  ? 3.111   -10.865 1.173   1.00 0.39 ? 1  DT A C4     1 
ATOM 14  O O4     . DT A 1 1  ? 4.083   -10.136 1.016   1.00 0.42 ? 1  DT A O4     1 
ATOM 15  C C5     . DT A 1 1  ? 2.282   -11.356 0.107   1.00 0.50 ? 1  DT A C5     1 
ATOM 16  C C7     . DT A 1 1  ? 2.618   -10.976 -1.341  1.00 0.66 ? 1  DT A C7     1 
ATOM 17  C C6     . DT A 1 1  ? 1.225   -12.142 0.364   1.00 0.48 ? 1  DT A C6     1 
ATOM 18  H "H5'"  . DT A 1 1  ? -1.282  -16.760 0.053   1.00 0.80 ? 1  DT A "H5'"  1 
ATOM 19  H "H5''" . DT A 1 1  ? -3.009  -16.323 0.112   1.00 0.79 ? 1  DT A "H5''" 1 
ATOM 20  H "H4'"  . DT A 1 1  ? -1.942  -15.440 2.068   1.00 0.56 ? 1  DT A "H4'"  1 
ATOM 21  H "H3'"  . DT A 1 1  ? -2.921  -13.715 -0.082  1.00 0.56 ? 1  DT A "H3'"  1 
ATOM 22  H "H2'"  . DT A 1 1  ? -1.378  -11.958 0.753   1.00 0.50 ? 1  DT A "H2'"  1 
ATOM 23  H "H2''" . DT A 1 1  ? -2.004  -12.092 2.459   1.00 0.47 ? 1  DT A "H2''" 1 
ATOM 24  H "H1'"  . DT A 1 1  ? -0.057  -13.707 2.990   1.00 0.42 ? 1  DT A "H1'"  1 
ATOM 25  H H3     . DT A 1 1  ? 3.237   -10.967 3.247   1.00 0.27 ? 1  DT A H3     1 
ATOM 26  H H71    . DT A 1 1  ? 2.765   -11.884 -1.927  1.00 0.78 ? 1  DT A H71    1 
ATOM 27  H H72    . DT A 1 1  ? 1.802   -10.400 -1.780  1.00 0.75 ? 1  DT A H72    1 
ATOM 28  H H73    . DT A 1 1  ? 3.528   -10.379 -1.368  1.00 0.74 ? 1  DT A H73    1 
ATOM 29  H H6     . DT A 1 1  ? 0.652   -12.468 -0.505  1.00 0.57 ? 1  DT A H6     1 
ATOM 30  H "HO5'" . DT A 1 1  ? -2.505  -14.536 -1.229  1.00 0.82 ? 1  DT A "HO5'" 1 
ATOM 31  P P      . DC A 1 2  ? -4.750  -12.432 1.831   1.00 0.57 ? 2  DC A P      1 
ATOM 32  O OP1    . DC A 1 2  ? -6.110  -12.919 2.148   1.00 0.76 ? 2  DC A OP1    1 
ATOM 33  O OP2    . DC A 1 2  ? -4.528  -11.617 0.614   1.00 0.69 ? 2  DC A OP2    1 
ATOM 34  O "O5'"  . DC A 1 2  ? -4.219  -11.585 3.086   1.00 0.39 ? 2  DC A "O5'"  1 
ATOM 35  C "C5'"  . DC A 1 2  ? -4.449  -12.015 4.439   1.00 0.39 ? 2  DC A "C5'"  1 
ATOM 36  C "C4'"  . DC A 1 2  ? -4.164  -10.893 5.429   1.00 0.33 ? 2  DC A "C4'"  1 
ATOM 37  O "O4'"  . DC A 1 2  ? -2.809  -10.461 5.170   1.00 0.30 ? 2  DC A "O4'"  1 
ATOM 38  C "C3'"  . DC A 1 2  ? -5.108  -9.676  5.271   1.00 0.30 ? 2  DC A "C3'"  1 
ATOM 39  O "O3'"  . DC A 1 2  ? -5.364  -9.026  6.537   1.00 0.32 ? 2  DC A "O3'"  1 
ATOM 40  C "C2'"  . DC A 1 2  ? -4.197  -8.814  4.362   1.00 0.28 ? 2  DC A "C2'"  1 
ATOM 41  C "C1'"  . DC A 1 2  ? -2.790  -9.043  4.975   1.00 0.27 ? 2  DC A "C1'"  1 
ATOM 42  N N1     . DC A 1 2  ? -1.673  -8.670  4.005   1.00 0.27 ? 2  DC A N1     1 
ATOM 43  C C2     . DC A 1 2  ? -0.588  -7.945  4.518   1.00 0.26 ? 2  DC A C2     1 
ATOM 44  O O2     . DC A 1 2  ? -0.511  -7.591  5.692   1.00 0.26 ? 2  DC A O2     1 
ATOM 45  N N3     . DC A 1 2  ? 0.438   -7.604  3.687   1.00 0.29 ? 2  DC A N3     1 
ATOM 46  C C4     . DC A 1 2  ? 0.434   -7.940  2.397   1.00 0.32 ? 2  DC A C4     1 
ATOM 47  N N4     . DC A 1 2  ? 1.448   -7.614  1.600   1.00 0.36 ? 2  DC A N4     1 
ATOM 48  C C5     . DC A 1 2  ? -0.640  -8.667  1.837   1.00 0.34 ? 2  DC A C5     1 
ATOM 49  C C6     . DC A 1 2  ? -1.673  -9.020  2.642   1.00 0.32 ? 2  DC A C6     1 
ATOM 50  H "H5'"  . DC A 1 2  ? -3.765  -12.836 4.661   1.00 0.46 ? 2  DC A "H5'"  1 
ATOM 51  H "H5''" . DC A 1 2  ? -5.477  -12.355 4.563   1.00 0.52 ? 2  DC A "H5''" 1 
ATOM 52  H "H4'"  . DC A 1 2  ? -4.240  -11.267 6.450   1.00 0.40 ? 2  DC A "H4'"  1 
ATOM 53  H "H3'"  . DC A 1 2  ? -6.080  -10.045 4.941   1.00 0.33 ? 2  DC A "H3'"  1 
ATOM 54  H "H2'"  . DC A 1 2  ? -4.279  -9.186  3.341   1.00 0.32 ? 2  DC A "H2'"  1 
ATOM 55  H "H2''" . DC A 1 2  ? -4.389  -7.741  4.380   1.00 0.29 ? 2  DC A "H2''" 1 
ATOM 56  H "H1'"  . DC A 1 2  ? -2.728  -8.675  6.000   1.00 0.27 ? 2  DC A "H1'"  1 
ATOM 57  H H41    . DC A 1 2  ? 2.210   -7.062  1.967   1.00 0.39 ? 2  DC A H41    1 
ATOM 58  H H42    . DC A 1 2  ? 1.466   -7.907  0.634   1.00 0.43 ? 2  DC A H42    1 
ATOM 59  H H5     . DC A 1 2  ? -0.556  -8.889  0.773   1.00 0.38 ? 2  DC A H5     1 
ATOM 60  H H6     . DC A 1 2  ? -2.440  -9.572  2.099   1.00 0.37 ? 2  DC A H6     1 
ATOM 61  P P      . DC A 1 3  ? -5.859  -7.490  6.710   1.00 0.37 ? 3  DC A P      1 
ATOM 62  O OP1    . DC A 1 3  ? -6.652  -7.387  7.956   1.00 0.54 ? 3  DC A OP1    1 
ATOM 63  O OP2    . DC A 1 3  ? -6.427  -7.019  5.427   1.00 0.49 ? 3  DC A OP2    1 
ATOM 64  O "O5'"  . DC A 1 3  ? -4.434  -6.791  6.933   1.00 0.30 ? 3  DC A "O5'"  1 
ATOM 65  C "C5'"  . DC A 1 3  ? -3.657  -7.222  8.060   1.00 0.28 ? 3  DC A "C5'"  1 
ATOM 66  C "C4'"  . DC A 1 3  ? -2.740  -6.145  8.582   1.00 0.26 ? 3  DC A "C4'"  1 
ATOM 67  O "O4'"  . DC A 1 3  ? -1.800  -5.731  7.582   1.00 0.28 ? 3  DC A "O4'"  1 
ATOM 68  C "C3'"  . DC A 1 3  ? -3.459  -4.852  9.025   1.00 0.25 ? 3  DC A "C3'"  1 
ATOM 69  O "O3'"  . DC A 1 3  ? -2.720  -4.449  10.165  1.00 0.29 ? 3  DC A "O3'"  1 
ATOM 70  C "C2'"  . DC A 1 3  ? -3.302  -3.872  7.844   1.00 0.23 ? 3  DC A "C2'"  1 
ATOM 71  C "C1'"  . DC A 1 3  ? -1.932  -4.331  7.253   1.00 0.23 ? 3  DC A "C1'"  1 
ATOM 72  N N1     . DC A 1 3  ? -1.713  -4.368  5.765   1.00 0.24 ? 3  DC A N1     1 
ATOM 73  C C2     . DC A 1 3  ? -0.478  -3.886  5.397   1.00 0.29 ? 3  DC A C2     1 
ATOM 74  O O2     . DC A 1 3  ? 0.262   -3.345  6.212   1.00 0.34 ? 3  DC A O2     1 
ATOM 75  N N3     . DC A 1 3  ? -0.101  -3.976  4.110   1.00 0.32 ? 3  DC A N3     1 
ATOM 76  C C4     . DC A 1 3  ? -0.893  -4.516  3.182   1.00 0.30 ? 3  DC A C4     1 
ATOM 77  N N4     . DC A 1 3  ? -0.436  -4.571  1.938   1.00 0.34 ? 3  DC A N4     1 
ATOM 78  C C5     . DC A 1 3  ? -2.185  -5.022  3.492   1.00 0.27 ? 3  DC A C5     1 
ATOM 79  C C6     . DC A 1 3  ? -2.572  -4.923  4.803   1.00 0.24 ? 3  DC A C6     1 
ATOM 80  H "H5'"  . DC A 1 3  ? -3.043  -8.072  7.760   1.00 0.36 ? 3  DC A "H5'"  1 
ATOM 81  H "H5''" . DC A 1 3  ? -4.300  -7.531  8.884   1.00 0.40 ? 3  DC A "H5''" 1 
ATOM 82  H "H4'"  . DC A 1 3  ? -2.205  -6.644  9.390   1.00 0.32 ? 3  DC A "H4'"  1 
ATOM 83  H "H3'"  . DC A 1 3  ? -4.504  -5.005  9.293   1.00 0.30 ? 3  DC A "H3'"  1 
ATOM 84  H "H2'"  . DC A 1 3  ? -4.140  -4.151  7.206   1.00 0.27 ? 3  DC A "H2'"  1 
ATOM 85  H "H2''" . DC A 1 3  ? -3.270  -2.836  8.181   1.00 0.28 ? 3  DC A "H2''" 1 
ATOM 86  H "H1'"  . DC A 1 3  ? -1.060  -3.893  7.737   1.00 0.28 ? 3  DC A "H1'"  1 
ATOM 87  H H41    . DC A 1 3  ? 0.489   -4.200  1.767   1.00 0.34 ? 3  DC A H41    1 
ATOM 88  H H42    . DC A 1 3  ? -0.970  -4.961  1.175   1.00 0.41 ? 3  DC A H42    1 
ATOM 89  H H5     . DC A 1 3  ? -2.709  -5.463  2.645   1.00 0.30 ? 3  DC A H5     1 
ATOM 90  H H6     . DC A 1 3  ? -3.584  -5.236  5.064   1.00 0.25 ? 3  DC A H6     1 
ATOM 91  P P      . DT A 1 4  ? -3.168  -3.294  11.128  1.00 0.30 ? 4  DT A P      1 
ATOM 92  O OP1    . DT A 1 4  ? -2.248  -3.352  12.282  1.00 0.40 ? 4  DT A OP1    1 
ATOM 93  O OP2    . DT A 1 4  ? -4.634  -3.358  11.330  1.00 0.45 ? 4  DT A OP2    1 
ATOM 94  O "O5'"  . DT A 1 4  ? -2.845  -1.994  10.220  1.00 0.35 ? 4  DT A "O5'"  1 
ATOM 95  C "C5'"  . DT A 1 4  ? -1.524  -1.483  10.013  1.00 0.35 ? 4  DT A "C5'"  1 
ATOM 96  C "C4'"  . DT A 1 4  ? -1.414  -0.636  8.747   1.00 0.35 ? 4  DT A "C4'"  1 
ATOM 97  O "O4'"  . DT A 1 4  ? -1.553  -1.355  7.494   1.00 0.31 ? 4  DT A "O4'"  1 
ATOM 98  C "C3'"  . DT A 1 4  ? -2.452  0.512   8.708   1.00 0.33 ? 4  DT A "C3'"  1 
ATOM 99  O "O3'"  . DT A 1 4  ? -1.860  1.757   9.107   1.00 0.44 ? 4  DT A "O3'"  1 
ATOM 100 C "C2'"  . DT A 1 4  ? -2.745  0.537   7.191   1.00 0.34 ? 4  DT A "C2'"  1 
ATOM 101 C "C1'"  . DT A 1 4  ? -1.633  -0.294  6.536   1.00 0.30 ? 4  DT A "C1'"  1 
ATOM 102 N N1     . DT A 1 4  ? -1.915  -0.685  5.118   1.00 0.26 ? 4  DT A N1     1 
ATOM 103 C C2     . DT A 1 4  ? -0.953  -0.235  4.218   1.00 0.28 ? 4  DT A C2     1 
ATOM 104 O O2     . DT A 1 4  ? 0.035   0.423   4.529   1.00 0.32 ? 4  DT A O2     1 
ATOM 105 N N3     . DT A 1 4  ? -1.129  -0.558  2.916   1.00 0.27 ? 4  DT A N3     1 
ATOM 106 C C4     . DT A 1 4  ? -2.149  -1.279  2.380   1.00 0.28 ? 4  DT A C4     1 
ATOM 107 O O4     . DT A 1 4  ? -2.116  -1.472  1.166   1.00 0.31 ? 4  DT A O4     1 
ATOM 108 C C5     . DT A 1 4  ? -3.139  -1.731  3.341   1.00 0.27 ? 4  DT A C5     1 
ATOM 109 C C7     . DT A 1 4  ? -4.354  -2.538  2.856   1.00 0.35 ? 4  DT A C7     1 
ATOM 110 C C6     . DT A 1 4  ? -3.009  -1.438  4.662   1.00 0.25 ? 4  DT A C6     1 
ATOM 111 H "H5'"  . DT A 1 4  ? -0.797  -2.293  9.956   1.00 0.40 ? 4  DT A "H5'"  1 
ATOM 112 H "H5''" . DT A 1 4  ? -1.277  -0.848  10.863  1.00 0.42 ? 4  DT A "H5''" 1 
ATOM 113 H "H4'"  . DT A 1 4  ? -0.419  -0.192  8.780   1.00 0.40 ? 4  DT A "H4'"  1 
ATOM 114 H "H3'"  . DT A 1 4  ? -3.320  0.285   9.328   1.00 0.38 ? 4  DT A "H3'"  1 
ATOM 115 H "H2'"  . DT A 1 4  ? -3.706  0.051   7.011   1.00 0.38 ? 4  DT A "H2'"  1 
ATOM 116 H "H2''" . DT A 1 4  ? -2.774  1.551   6.792   1.00 0.40 ? 4  DT A "H2''" 1 
ATOM 117 H "H1'"  . DT A 1 4  ? -0.654  0.184   6.538   1.00 0.35 ? 4  DT A "H1'"  1 
ATOM 118 H H3     . DT A 1 4  ? -0.421  -0.224  2.280   1.00 0.28 ? 4  DT A H3     1 
ATOM 119 H H71    . DT A 1 4  ? -4.277  -2.718  1.783   1.00 0.49 ? 4  DT A H71    1 
ATOM 120 H H72    . DT A 1 4  ? -4.423  -3.492  3.378   1.00 0.44 ? 4  DT A H72    1 
ATOM 121 H H73    . DT A 1 4  ? -5.260  -1.962  3.050   1.00 0.45 ? 4  DT A H73    1 
ATOM 122 H H6     . DT A 1 4  ? -3.818  -1.854  5.263   1.00 0.26 ? 4  DT A H6     1 
ATOM 123 P P      . DC A 1 5  ? -2.669  3.144   9.146   1.00 0.37 ? 5  DC A P      1 
ATOM 124 O OP1    . DC A 1 5  ? -3.102  3.419   10.529  1.00 0.74 ? 5  DC A OP1    1 
ATOM 125 O OP2    . DC A 1 5  ? -3.661  3.176   8.043   1.00 0.69 ? 5  DC A OP2    1 
ATOM 126 O "O5'"  . DC A 1 5  ? -1.540  4.186   8.757   1.00 0.76 ? 5  DC A "O5'"  1 
ATOM 127 C "C5'"  . DC A 1 5  ? -0.187  4.202   9.220   1.00 0.57 ? 5  DC A "C5'"  1 
ATOM 128 C "C4'"  . DC A 1 5  ? 0.557   5.047   8.217   1.00 0.45 ? 5  DC A "C4'"  1 
ATOM 129 O "O4'"  . DC A 1 5  ? 0.430   4.432   6.923   1.00 0.55 ? 5  DC A "O4'"  1 
ATOM 130 C "C3'"  . DC A 1 5  ? -0.059  6.450   8.117   1.00 0.38 ? 5  DC A "C3'"  1 
ATOM 131 O "O3'"  . DC A 1 5  ? 0.965   7.369   8.458   1.00 0.41 ? 5  DC A "O3'"  1 
ATOM 132 C "C2'"  . DC A 1 5  ? -0.482  6.560   6.661   1.00 0.33 ? 5  DC A "C2'"  1 
ATOM 133 C "C1'"  . DC A 1 5  ? 0.301   5.440   5.920   1.00 0.40 ? 5  DC A "C1'"  1 
ATOM 134 N N1     . DC A 1 5  ? -0.581  4.807   4.876   1.00 0.36 ? 5  DC A N1     1 
ATOM 135 C C2     . DC A 1 5  ? -0.047  4.773   3.596   1.00 0.35 ? 5  DC A C2     1 
ATOM 136 O O2     . DC A 1 5  ? 1.056   5.238   3.321   1.00 0.41 ? 5  DC A O2     1 
ATOM 137 N N3     . DC A 1 5  ? -0.770  4.203   2.608   1.00 0.34 ? 5  DC A N3     1 
ATOM 138 C C4     . DC A 1 5  ? -1.972  3.671   2.827   1.00 0.33 ? 5  DC A C4     1 
ATOM 139 N N4     . DC A 1 5  ? -2.615  3.096   1.812   1.00 0.35 ? 5  DC A N4     1 
ATOM 140 C C5     . DC A 1 5  ? -2.572  3.682   4.117   1.00 0.35 ? 5  DC A C5     1 
ATOM 141 C C6     . DC A 1 5  ? -1.855  4.251   5.133   1.00 0.37 ? 5  DC A C6     1 
ATOM 142 H "H5'"  . DC A 1 5  ? 0.263   3.208   9.228   1.00 0.70 ? 5  DC A "H5'"  1 
ATOM 143 H "H5''" . DC A 1 5  ? -0.112  4.638   10.217  1.00 0.73 ? 5  DC A "H5''" 1 
ATOM 144 H "H4'"  . DC A 1 5  ? 1.608   5.139   8.496   1.00 0.56 ? 5  DC A "H4'"  1 
ATOM 145 H "H3'"  . DC A 1 5  ? -0.920  6.592   8.771   1.00 0.47 ? 5  DC A "H3'"  1 
ATOM 146 H "H2'"  . DC A 1 5  ? -1.567  6.497   6.574   1.00 0.39 ? 5  DC A "H2'"  1 
ATOM 147 H "H2''" . DC A 1 5  ? -0.323  7.577   6.304   1.00 0.37 ? 5  DC A "H2''" 1 
ATOM 148 H "H1'"  . DC A 1 5  ? 1.315   5.678   5.595   1.00 0.47 ? 5  DC A "H1'"  1 
ATOM 149 H H41    . DC A 1 5  ? -2.212  3.121   0.886   1.00 0.33 ? 5  DC A H41    1 
ATOM 150 H H42    . DC A 1 5  ? -3.500  2.635   1.966   1.00 0.39 ? 5  DC A H42    1 
ATOM 151 H H5     . DC A 1 5  ? -3.562  3.226   4.146   1.00 0.38 ? 5  DC A H5     1 
ATOM 152 H H6     . DC A 1 5  ? -2.322  4.247   6.118   1.00 0.41 ? 5  DC A H6     1 
ATOM 153 P P      . DC A 1 6  ? 0.782   8.950   8.382   1.00 0.42 ? 6  DC A P      1 
ATOM 154 O OP1    . DC A 1 6  ? 1.878   9.537   9.175   1.00 0.53 ? 6  DC A OP1    1 
ATOM 155 O OP2    . DC A 1 6  ? -0.625  9.303   8.684   1.00 0.54 ? 6  DC A OP2    1 
ATOM 156 O "O5'"  . DC A 1 6  ? 1.034   9.240   6.810   1.00 0.37 ? 6  DC A "O5'"  1 
ATOM 157 C "C5'"  . DC A 1 6  ? 2.319   9.182   6.168   1.00 0.38 ? 6  DC A "C5'"  1 
ATOM 158 C "C4'"  . DC A 1 6  ? 2.220   9.474   4.670   1.00 0.36 ? 6  DC A "C4'"  1 
ATOM 159 O "O4'"  . DC A 1 6  ? 1.409   8.495   4.016   1.00 0.32 ? 6  DC A "O4'"  1 
ATOM 160 C "C3'"  . DC A 1 6  ? 1.509   10.818  4.409   1.00 0.36 ? 6  DC A "C3'"  1 
ATOM 161 O "O3'"  . DC A 1 6  ? 2.425   11.927  4.356   1.00 0.47 ? 6  DC A "O3'"  1 
ATOM 162 C "C2'"  . DC A 1 6  ? 0.828   10.541  3.003   1.00 0.34 ? 6  DC A "C2'"  1 
ATOM 163 C "C1'"  . DC A 1 6  ? 1.080   9.036   2.724   1.00 0.30 ? 6  DC A "C1'"  1 
ATOM 164 N N1     . DC A 1 6  ? -0.196  8.365   2.330   1.00 0.27 ? 6  DC A N1     1 
ATOM 165 C C2     . DC A 1 6  ? -0.328  7.942   1.019   1.00 0.30 ? 6  DC A C2     1 
ATOM 166 O O2     . DC A 1 6  ? 0.530   8.167   0.166   1.00 0.36 ? 6  DC A O2     1 
ATOM 167 N N3     . DC A 1 6  ? -1.465  7.280   0.672   1.00 0.30 ? 6  DC A N3     1 
ATOM 168 C C4     . DC A 1 6  ? -2.448  7.037   1.551   1.00 0.27 ? 6  DC A C4     1 
ATOM 169 N N4     . DC A 1 6  ? -3.533  6.379   1.134   1.00 0.30 ? 6  DC A N4     1 
ATOM 170 C C5     . DC A 1 6  ? -2.342  7.469   2.915   1.00 0.28 ? 6  DC A C5     1 
ATOM 171 C C6     . DC A 1 6  ? -1.205  8.133   3.253   1.00 0.27 ? 6  DC A C6     1 
ATOM 172 H "H5'"  . DC A 1 6  ? 2.769   8.197   6.300   1.00 0.46 ? 6  DC A "H5'"  1 
ATOM 173 H "H5''" . DC A 1 6  ? 2.956   9.940   6.626   1.00 0.46 ? 6  DC A "H5''" 1 
ATOM 174 H "H4'"  . DC A 1 6  ? 3.216   9.457   4.229   1.00 0.44 ? 6  DC A "H4'"  1 
ATOM 175 H "H3'"  . DC A 1 6  ? 0.855   10.980  5.267   1.00 0.39 ? 6  DC A "H3'"  1 
ATOM 176 H "H2'"  . DC A 1 6  ? -0.239  10.719  3.129   1.00 0.36 ? 6  DC A "H2'"  1 
ATOM 177 H "H2''" . DC A 1 6  ? 1.257   11.065  2.148   1.00 0.38 ? 6  DC A "H2''" 1 
ATOM 178 H "H1'"  . DC A 1 6  ? 1.919   8.814   2.063   1.00 0.34 ? 6  DC A "H1'"  1 
ATOM 179 H H41    . DC A 1 6  ? -3.629  6.136   0.159   1.00 0.30 ? 6  DC A H41    1 
ATOM 180 H H42    . DC A 1 6  ? -4.252  6.137   1.802   1.00 0.40 ? 6  DC A H42    1 
ATOM 181 H H5     . DC A 1 6  ? -3.144  7.246   3.619   1.00 0.33 ? 6  DC A H5     1 
ATOM 182 H H6     . DC A 1 6  ? -1.100  8.516   4.268   1.00 0.30 ? 6  DC A H6     1 
ATOM 183 P P      . DT A 1 7  ? 3.607   12.119  3.268   1.00 0.53 ? 7  DT A P      1 
ATOM 184 O OP1    . DT A 1 7  ? 4.501   10.939  3.299   1.00 0.75 ? 7  DT A OP1    1 
ATOM 185 O OP2    . DT A 1 7  ? 4.165   13.477  3.429   1.00 0.92 ? 7  DT A OP2    1 
ATOM 186 O "O5'"  . DT A 1 7  ? 2.759   12.103  1.907   1.00 0.54 ? 7  DT A "O5'"  1 
ATOM 187 C "C5'"  . DT A 1 7  ? 3.244   11.680  0.629   1.00 0.49 ? 7  DT A "C5'"  1 
ATOM 188 C "C4'"  . DT A 1 7  ? 2.184   11.919  -0.433  1.00 0.46 ? 7  DT A "C4'"  1 
ATOM 189 O "O4'"  . DT A 1 7  ? 0.989   11.118  -0.293  1.00 0.41 ? 7  DT A "O4'"  1 
ATOM 190 C "C3'"  . DT A 1 7  ? 1.732   13.379  -0.413  1.00 0.53 ? 7  DT A "C3'"  1 
ATOM 191 O "O3'"  . DT A 1 7  ? 2.422   14.074  -1.458  1.00 0.63 ? 7  DT A "O3'"  1 
ATOM 192 C "C2'"  . DT A 1 7  ? 0.218   13.207  -0.700  1.00 0.50 ? 7  DT A "C2'"  1 
ATOM 193 C "C1'"  . DT A 1 7  ? 0.062   11.762  -1.179  1.00 0.40 ? 7  DT A "C1'"  1 
ATOM 194 N N1     . DT A 1 7  ? -1.343  11.293  -0.985  1.00 0.37 ? 7  DT A N1     1 
ATOM 195 C C2     . DT A 1 7  ? -1.994  10.782  -2.100  1.00 0.35 ? 7  DT A C2     1 
ATOM 196 O O2     . DT A 1 7  ? -1.505  10.719  -3.224  1.00 0.39 ? 7  DT A O2     1 
ATOM 197 N N3     . DT A 1 7  ? -3.269  10.341  -1.898  1.00 0.33 ? 7  DT A N3     1 
ATOM 198 C C4     . DT A 1 7  ? -3.974  10.351  -0.721  1.00 0.36 ? 7  DT A C4     1 
ATOM 199 O O4     . DT A 1 7  ? -5.120  9.913   -0.730  1.00 0.37 ? 7  DT A O4     1 
ATOM 200 C C5     . DT A 1 7  ? -3.249  10.899  0.408   1.00 0.41 ? 7  DT A C5     1 
ATOM 201 C C7     . DT A 1 7  ? -3.916  10.971  1.800   1.00 0.53 ? 7  DT A C7     1 
ATOM 202 C C6     . DT A 1 7  ? -1.982  11.346  0.249   1.00 0.41 ? 7  DT A C6     1 
ATOM 203 H "H5'"  . DT A 1 7  ? 3.483   10.617  0.628   1.00 0.55 ? 7  DT A "H5'"  1 
ATOM 204 H "H5''" . DT A 1 7  ? 4.132   12.261  0.383   1.00 0.58 ? 7  DT A "H5''" 1 
ATOM 205 H "H4'"  . DT A 1 7  ? 2.629   11.736  -1.411  1.00 0.50 ? 7  DT A "H4'"  1 
ATOM 206 H "H3'"  . DT A 1 7  ? 2.011   13.802  0.551   1.00 0.58 ? 7  DT A "H3'"  1 
ATOM 207 H "H2'"  . DT A 1 7  ? -0.407  13.372  0.178   1.00 0.58 ? 7  DT A "H2'"  1 
ATOM 208 H "H2''" . DT A 1 7  ? -0.127  13.860  -1.503  1.00 0.58 ? 7  DT A "H2''" 1 
ATOM 209 H "H1'"  . DT A 1 7  ? 0.408   11.592  -2.198  1.00 0.45 ? 7  DT A "H1'"  1 
ATOM 210 H H3     . DT A 1 7  ? -3.724  9.959   -2.715  1.00 0.33 ? 7  DT A H3     1 
ATOM 211 H H71    . DT A 1 7  ? -4.916  10.539  1.759   1.00 1.14 ? 7  DT A H71    1 
ATOM 212 H H72    . DT A 1 7  ? -3.330  10.414  2.532   1.00 0.90 ? 7  DT A H72    1 
ATOM 213 H H73    . DT A 1 7  ? -4.001  12.006  2.130   1.00 1.02 ? 7  DT A H73    1 
ATOM 214 H H6     . DT A 1 7  ? -1.502  11.761  1.135   1.00 0.45 ? 7  DT A H6     1 
ATOM 215 P P      . DT A 1 8  L 2.032   15.540  -1.982  1.00 0.74 ? 1  DT A P      1 
ATOM 216 O OP1    . DT A 1 8  L 3.187   16.100  -2.718  1.00 0.91 ? 1  DT A OP1    1 
ATOM 217 O OP2    . DT A 1 8  L 1.406   16.301  -0.880  1.00 1.13 ? 1  DT A OP2    1 
ATOM 218 O "O5'"  . DT A 1 8  L 0.881   15.194  -3.047  1.00 0.53 ? 1  DT A "O5'"  1 
ATOM 219 C "C5'"  . DT A 1 8  L 1.207   14.417  -4.202  1.00 0.47 ? 1  DT A "C5'"  1 
ATOM 220 C "C4'"  . DT A 1 8  L 0.039   14.294  -5.152  1.00 0.76 ? 1  DT A "C4'"  1 
ATOM 221 O "O4'"  . DT A 1 8  L -1.085  13.657  -4.519  1.00 0.76 ? 1  DT A "O4'"  1 
ATOM 222 C "C3'"  . DT A 1 8  L -0.438  15.668  -5.639  1.00 1.11 ? 1  DT A "C3'"  1 
ATOM 223 O "O3'"  . DT A 1 8  L -0.510  15.719  -7.057  1.00 1.37 ? 1  DT A "O3'"  1 
ATOM 224 C "C2'"  . DT A 1 8  L -1.825  15.750  -5.145  1.00 1.00 ? 1  DT A "C2'"  1 
ATOM 225 C "C1'"  . DT A 1 8  L -2.249  14.290  -5.043  1.00 0.78 ? 1  DT A "C1'"  1 
ATOM 226 N N1     . DT A 1 8  L -3.359  14.069  -4.090  1.00 0.76 ? 1  DT A N1     1 
ATOM 227 C C2     . DT A 1 8  L -4.450  13.349  -4.542  1.00 0.66 ? 1  DT A C2     1 
ATOM 228 O O2     . DT A 1 8  L -4.537  12.896  -5.679  1.00 0.61 ? 1  DT A O2     1 
ATOM 229 N N3     . DT A 1 8  L -5.462  13.154  -3.629  1.00 0.69 ? 1  DT A N3     1 
ATOM 230 C C4     . DT A 1 8  L -5.490  13.602  -2.326  1.00 0.84 ? 1  DT A C4     1 
ATOM 231 O O4     . DT A 1 8  L -6.459  13.370  -1.611  1.00 0.93 ? 1  DT A O4     1 
ATOM 232 C C5     . DT A 1 8  L -4.313  14.340  -1.937  1.00 0.93 ? 1  DT A C5     1 
ATOM 233 C C7     . DT A 1 8  L -4.160  14.881  -0.514  1.00 1.11 ? 1  DT A C7     1 
ATOM 234 C C6     . DT A 1 8  L -3.316  14.550  -2.800  1.00 0.87 ? 1  DT A C6     1 
ATOM 235 H "H5'"  . DT A 1 8  L 1.499   13.412  -3.894  1.00 0.54 ? 1  DT A "H5'"  1 
ATOM 236 H "H5''" . DT A 1 8  L 2.032   14.894  -4.731  1.00 0.61 ? 1  DT A "H5''" 1 
ATOM 237 H "H4'"  . DT A 1 8  L 0.352   13.716  -6.021  1.00 0.95 ? 1  DT A "H4'"  1 
ATOM 238 H "H3'"  . DT A 1 8  L 0.093   16.489  -5.156  1.00 1.33 ? 1  DT A "H3'"  1 
ATOM 239 H "HO3'" . DT A 1 8  L 0.394   15.782  -7.377  1.00 1.77 ? 1  DT A "HO3'" 1 
ATOM 240 H "H2'"  . DT A 1 8  L -1.708  16.361  -4.250  1.00 1.15 ? 1  DT A "H2'"  1 
ATOM 241 H "H2''" . DT A 1 8  L -2.464  16.267  -5.861  1.00 1.08 ? 1  DT A "H2''" 1 
ATOM 242 H "H1'"  . DT A 1 8  L -2.461  13.900  -6.040  1.00 0.74 ? 1  DT A "H1'"  1 
ATOM 243 H H3     . DT A 1 8  L -6.268  12.630  -3.939  1.00 0.65 ? 1  DT A H3     1 
ATOM 244 H H71    . DT A 1 8  L -3.267  14.453  -0.058  1.00 1.10 ? 1  DT A H71    1 
ATOM 245 H H72    . DT A 1 8  L -4.054  15.966  -0.542  1.00 1.25 ? 1  DT A H72    1 
ATOM 246 H H73    . DT A 1 8  L -5.032  14.596  0.075   1.00 1.23 ? 1  DT A H73    1 
ATOM 247 H H6     . DT A 1 8  L -2.501  15.142  -2.386  1.00 0.94 ? 1  DT A H6     1 
ATOM 248 O "O5'"  . DT A 1 12 L -13.462 9.319   -7.617  1.00 0.76 ? 5  DT A "O5'"  1 
ATOM 249 C "C5'"  . DT A 1 12 L -13.589 9.804   -8.960  1.00 0.61 ? 5  DT A "C5'"  1 
ATOM 250 C "C4'"  . DT A 1 12 L -12.267 9.791   -9.719  1.00 0.48 ? 5  DT A "C4'"  1 
ATOM 251 O "O4'"  . DT A 1 12 L -11.296 10.580  -8.994  1.00 0.57 ? 5  DT A "O4'"  1 
ATOM 252 C "C3'"  . DT A 1 12 L -11.725 8.347   -9.866  1.00 0.45 ? 5  DT A "C3'"  1 
ATOM 253 O "O3'"  . DT A 1 12 L -11.134 8.107   -11.158 1.00 0.50 ? 5  DT A "O3'"  1 
ATOM 254 C "C2'"  . DT A 1 12 L -10.634 8.387   -8.794  1.00 0.43 ? 5  DT A "C2'"  1 
ATOM 255 C "C1'"  . DT A 1 12 L -10.089 9.826   -8.830  1.00 0.48 ? 5  DT A "C1'"  1 
ATOM 256 N N1     . DT A 1 12 L -9.438  10.195  -7.544  1.00 0.45 ? 5  DT A N1     1 
ATOM 257 C C2     . DT A 1 12 L -8.087  10.517  -7.558  1.00 0.41 ? 5  DT A C2     1 
ATOM 258 O O2     . DT A 1 12 L -7.405  10.509  -8.577  1.00 0.42 ? 5  DT A O2     1 
ATOM 259 N N3     . DT A 1 12 L -7.531  10.863  -6.347  1.00 0.42 ? 5  DT A N3     1 
ATOM 260 C C4     . DT A 1 12 L -8.185  10.920  -5.139  1.00 0.47 ? 5  DT A C4     1 
ATOM 261 O O4     . DT A 1 12 L -7.544  11.260  -4.148  1.00 0.54 ? 5  DT A O4     1 
ATOM 262 C C5     . DT A 1 12 L -9.597  10.570  -5.202  1.00 0.51 ? 5  DT A C5     1 
ATOM 263 C C7     . DT A 1 12 L -10.468 10.589  -3.935  1.00 0.61 ? 5  DT A C7     1 
ATOM 264 C C6     . DT A 1 12 L -10.161 10.227  -6.378  1.00 0.49 ? 5  DT A C6     1 
ATOM 265 H "H5'"  . DT A 1 12 L -13.940 10.835  -8.927  1.00 0.69 ? 5  DT A "H5'"  1 
ATOM 266 H "H5''" . DT A 1 12 L -14.302 9.180   -9.500  1.00 0.76 ? 5  DT A "H5''" 1 
ATOM 267 H "H4'"  . DT A 1 12 L -12.388 10.273  -10.690 1.00 0.61 ? 5  DT A "H4'"  1 
ATOM 268 H "H3'"  . DT A 1 12 L -12.522 7.610   -9.777  1.00 0.49 ? 5  DT A "H3'"  1 
ATOM 269 H "H2'"  . DT A 1 12 L -10.974 8.065   -7.808  1.00 0.45 ? 5  DT A "H2'"  1 
ATOM 270 H "H2''" . DT A 1 12 L -9.822  7.701   -9.034  1.00 0.45 ? 5  DT A "H2''" 1 
ATOM 271 H "H1'"  . DT A 1 12 L -9.430  10.056  -9.667  1.00 0.53 ? 5  DT A "H1'"  1 
ATOM 272 H H3     . DT A 1 12 L -6.550  11.106  -6.348  1.00 0.43 ? 5  DT A H3     1 
ATOM 273 H H71    . DT A 1 12 L -9.874  10.912  -3.080  1.00 0.80 ? 5  DT A H71    1 
ATOM 274 H H72    . DT A 1 12 L -11.301 11.280  -4.069  1.00 0.83 ? 5  DT A H72    1 
ATOM 275 H H73    . DT A 1 12 L -10.870 9.595   -3.737  1.00 0.81 ? 5  DT A H73    1 
ATOM 276 H H6     . DT A 1 12 L -11.220 9.972   -6.411  1.00 0.55 ? 5  DT A H6     1 
ATOM 277 H "HO5'" . DT A 1 12 L -12.659 8.795   -7.581  1.00 0.65 ? 5  DT A "HO5'" 1 
ATOM 278 P P      . DA A 1 13 ? -10.426 6.699   -11.546 1.00 0.52 ? 8  DA A P      1 
ATOM 279 O OP1    . DA A 1 13 ? -10.291 6.646   -13.019 1.00 0.68 ? 8  DA A OP1    1 
ATOM 280 O OP2    . DA A 1 13 ? -11.122 5.606   -10.832 1.00 0.58 ? 8  DA A OP2    1 
ATOM 281 O "O5'"  . DA A 1 13 ? -8.969  6.885   -10.871 1.00 0.43 ? 8  DA A "O5'"  1 
ATOM 282 C "C5'"  . DA A 1 13 ? -8.002  7.741   -11.494 1.00 0.39 ? 8  DA A "C5'"  1 
ATOM 283 C "C4'"  . DA A 1 13 ? -6.598  7.607   -10.936 1.00 0.30 ? 8  DA A "C4'"  1 
ATOM 284 O "O4'"  . DA A 1 13 ? -6.479  8.094   -9.581  1.00 0.28 ? 8  DA A "O4'"  1 
ATOM 285 C "C3'"  . DA A 1 13 ? -6.093  6.132   -10.926 1.00 0.29 ? 8  DA A "C3'"  1 
ATOM 286 O "O3'"  . DA A 1 13 ? -5.038  6.061   -11.881 1.00 0.32 ? 8  DA A "O3'"  1 
ATOM 287 C "C2'"  . DA A 1 13 ? -5.683  5.891   -9.414  1.00 0.24 ? 8  DA A "C2'"  1 
ATOM 288 C "C1'"  . DA A 1 13 ? -5.502  7.348   -8.819  1.00 0.24 ? 8  DA A "C1'"  1 
ATOM 289 N N9     . DA A 1 13 ? -5.961  7.445   -7.415  1.00 0.22 ? 8  DA A N9     1 
ATOM 290 C C8     . DA A 1 13 ? -7.097  6.909   -6.850  1.00 0.24 ? 8  DA A C8     1 
ATOM 291 N N7     . DA A 1 13 ? -7.214  7.186   -5.580  1.00 0.25 ? 8  DA A N7     1 
ATOM 292 C C5     . DA A 1 13 ? -6.093  7.952   -5.280  1.00 0.23 ? 8  DA A C5     1 
ATOM 293 C C6     . DA A 1 13 ? -5.638  8.557   -4.093  1.00 0.25 ? 8  DA A C6     1 
ATOM 294 N N6     . DA A 1 13 ? -6.255  8.493   -2.915  1.00 0.29 ? 8  DA A N6     1 
ATOM 295 N N1     . DA A 1 13 ? -4.492  9.246   -4.146  1.00 0.25 ? 8  DA A N1     1 
ATOM 296 C C2     . DA A 1 13 ? -3.830  9.337   -5.291  1.00 0.24 ? 8  DA A C2     1 
ATOM 297 N N3     . DA A 1 13 ? -4.153  8.812   -6.469  1.00 0.23 ? 8  DA A N3     1 
ATOM 298 C C4     . DA A 1 13 ? -5.318  8.120   -6.393  1.00 0.22 ? 8  DA A C4     1 
ATOM 299 H "H5'"  . DA A 1 13 ? -8.296  8.785   -11.385 1.00 0.46 ? 8  DA A "H5'"  1 
ATOM 300 H "H5''" . DA A 1 13 ? -7.945  7.496   -12.553 1.00 0.47 ? 8  DA A "H5''" 1 
ATOM 301 H "H4'"  . DA A 1 13 ? -6.079  8.247   -11.651 1.00 0.40 ? 8  DA A "H4'"  1 
ATOM 302 H "H3'"  . DA A 1 13 ? -6.882  5.483   -11.306 1.00 0.35 ? 8  DA A "H3'"  1 
ATOM 303 H "H2'"  . DA A 1 13 ? -6.504  5.305   -9.001  1.00 0.27 ? 8  DA A "H2'"  1 
ATOM 304 H "H2''" . DA A 1 13 ? -4.947  5.150   -9.099  1.00 0.27 ? 8  DA A "H2''" 1 
ATOM 305 H "H1'"  . DA A 1 13 ? -4.530  7.835   -8.884  1.00 0.26 ? 8  DA A "H1'"  1 
ATOM 306 H H8     . DA A 1 13 ? -7.846  6.320   -7.379  1.00 0.26 ? 8  DA A H8     1 
ATOM 307 H H61    . DA A 1 13 ? -5.839  8.963   -2.124  1.00 0.34 ? 8  DA A H61    1 
ATOM 308 H H62    . DA A 1 13 ? -7.122  7.990   -2.781  1.00 0.35 ? 8  DA A H62    1 
ATOM 309 H H2     . DA A 1 13 ? -2.915  9.922   -5.204  1.00 0.26 ? 8  DA A H2     1 
ATOM 310 P P      . DG A 1 14 ? -3.988  4.863   -11.973 1.00 0.32 ? 9  DG A P      1 
ATOM 311 O OP1    . DG A 1 14 ? -3.304  4.965   -13.280 1.00 0.43 ? 9  DG A OP1    1 
ATOM 312 O OP2    . DG A 1 14 ? -4.644  3.598   -11.569 1.00 0.35 ? 9  DG A OP2    1 
ATOM 313 O "O5'"  . DG A 1 14 ? -3.003  5.346   -10.782 1.00 0.33 ? 9  DG A "O5'"  1 
ATOM 314 C "C5'"  . DG A 1 14 ? -2.299  6.602   -10.846 1.00 0.33 ? 9  DG A "C5'"  1 
ATOM 315 C "C4'"  . DG A 1 14 ? -1.353  6.870   -9.666  1.00 0.28 ? 9  DG A "C4'"  1 
ATOM 316 O "O4'"  . DG A 1 14 ? -2.030  6.960   -8.370  1.00 0.27 ? 9  DG A "O4'"  1 
ATOM 317 C "C3'"  . DG A 1 14 ? -0.408  5.536   -9.471  1.00 0.24 ? 9  DG A "C3'"  1 
ATOM 318 O "O3'"  . DG A 1 14 ? 0.931   5.705   -9.961  1.00 0.29 ? 9  DG A "O3'"  1 
ATOM 319 C "C2'"  . DG A 1 14 ? -0.324  5.392   -7.838  1.00 0.22 ? 9  DG A "C2'"  1 
ATOM 320 C "C1'"  . DG A 1 14 ? -1.120  6.635   -7.271  1.00 0.24 ? 9  DG A "C1'"  1 
ATOM 321 N N9     . DG A 1 14 ? -1.901  6.268   -6.044  1.00 0.22 ? 9  DG A N9     1 
ATOM 322 C C8     . DG A 1 14 ? -3.025  5.474   -5.905  1.00 0.21 ? 9  DG A C8     1 
ATOM 323 N N7     . DG A 1 14 ? -3.473  5.379   -4.686  1.00 0.22 ? 9  DG A N7     1 
ATOM 324 C C5     . DG A 1 14 ? -2.592  6.161   -3.954  1.00 0.23 ? 9  DG A C5     1 
ATOM 325 C C6     . DG A 1 14 ? -2.576  6.438   -2.568  1.00 0.27 ? 9  DG A C6     1 
ATOM 326 O O6     . DG A 1 14 ? -3.356  6.044   -1.706  1.00 0.29 ? 9  DG A O6     1 
ATOM 327 N N1     . DG A 1 14 ? -1.535  7.262   -2.217  1.00 0.30 ? 9  DG A N1     1 
ATOM 328 C C2     . DG A 1 14 ? -0.603  7.771   -3.084  1.00 0.31 ? 9  DG A C2     1 
ATOM 329 N N2     . DG A 1 14 ? 0.346   8.538   -2.575  1.00 0.36 ? 9  DG A N2     1 
ATOM 330 N N3     . DG A 1 14 ? -0.608  7.518   -4.395  1.00 0.28 ? 9  DG A N3     1 
ATOM 331 C C4     . DG A 1 14 ? -1.629  6.707   -4.762  1.00 0.23 ? 9  DG A C4     1 
ATOM 332 H "H5'"  . DG A 1 14 ? -2.990  7.442   -10.897 1.00 0.38 ? 9  DG A "H5'"  1 
ATOM 333 H "H5''" . DG A 1 14 ? -1.714  6.601   -11.766 1.00 0.40 ? 9  DG A "H5''" 1 
ATOM 334 H "H4'"  . DG A 1 14 ? -1.068  7.868   -9.998  1.00 0.32 ? 9  DG A "H4'"  1 
ATOM 335 H "H3'"  . DG A 1 14 ? -0.743  4.665   -10.034 1.00 0.28 ? 9  DG A "H3'"  1 
ATOM 336 H "H2'"  . DG A 1 14 ? -0.812  4.456   -7.568  1.00 0.25 ? 9  DG A "H2'"  1 
ATOM 337 H "H2''" . DG A 1 14 ? 0.649   5.407   -7.346  1.00 0.27 ? 9  DG A "H2''" 1 
ATOM 338 H "H1'"  . DG A 1 14 ? -0.538  7.507   -6.972  1.00 0.28 ? 9  DG A "H1'"  1 
ATOM 339 H H8     . DG A 1 14 ? -3.551  4.918   -6.682  1.00 0.21 ? 9  DG A H8     1 
ATOM 340 H H1     . DG A 1 14 ? -1.492  7.483   -1.232  1.00 0.32 ? 9  DG A H1     1 
ATOM 341 H H21    . DG A 1 14 ? 0.448   8.638   -1.576  1.00 0.41 ? 9  DG A H21    1 
ATOM 342 H H22    . DG A 1 14 ? 0.968   9.006   -3.220  1.00 0.43 ? 9  DG A H22    1 
ATOM 343 P P      . DG A 1 15 ? 2.008   4.516   -9.772  1.00 0.35 ? 10 DG A P      1 
ATOM 344 O OP1    . DG A 1 15 ? 3.129   4.735   -10.713 1.00 0.50 ? 10 DG A OP1    1 
ATOM 345 O OP2    . DG A 1 15 ? 1.296   3.216   -9.754  1.00 0.46 ? 10 DG A OP2    1 
ATOM 346 O "O5'"  . DG A 1 15 ? 2.515   4.826   -8.264  1.00 0.37 ? 10 DG A "O5'"  1 
ATOM 347 C "C5'"  . DG A 1 15 ? 3.122   6.075   -7.896  1.00 0.34 ? 10 DG A "C5'"  1 
ATOM 348 C "C4'"  . DG A 1 15 ? 3.632   6.097   -6.459  1.00 0.30 ? 10 DG A "C4'"  1 
ATOM 349 O "O4'"  . DG A 1 15 ? 2.578   6.025   -5.451  1.00 0.31 ? 10 DG A "O4'"  1 
ATOM 350 C "C3'"  . DG A 1 15 ? 4.521   4.853   -6.215  1.00 0.27 ? 10 DG A "C3'"  1 
ATOM 351 O "O3'"  . DG A 1 15 ? 5.855   5.191   -5.845  1.00 0.35 ? 10 DG A "O3'"  1 
ATOM 352 C "C2'"  . DG A 1 15 ? 3.741   4.075   -5.110  1.00 0.26 ? 10 DG A "C2'"  1 
ATOM 353 C "C1'"  . DG A 1 15 ? 2.993   5.174   -4.357  1.00 0.25 ? 10 DG A "C1'"  1 
ATOM 354 N N9     . DG A 1 15 ? 1.832   4.549   -3.685  1.00 0.26 ? 10 DG A N9     1 
ATOM 355 C C8     . DG A 1 15 ? 0.799   3.850   -4.271  1.00 0.30 ? 10 DG A C8     1 
ATOM 356 N N7     . DG A 1 15 ? -0.081  3.414   -3.417  1.00 0.29 ? 10 DG A N7     1 
ATOM 357 C C5     . DG A 1 15 ? 0.392   3.846   -2.185  1.00 0.26 ? 10 DG A C5     1 
ATOM 358 C C6     . DG A 1 15 ? -0.160  3.661   -0.893  1.00 0.27 ? 10 DG A C6     1 
ATOM 359 O O6     . DG A 1 15 ? -1.191  3.068   -0.595  1.00 0.28 ? 10 DG A O6     1 
ATOM 360 N N1     . DG A 1 15 ? 0.605   4.241   0.096   1.00 0.27 ? 10 DG A N1     1 
ATOM 361 C C2     . DG A 1 15 ? 1.771   4.923   -0.124  1.00 0.27 ? 10 DG A C2     1 
ATOM 362 N N2     . DG A 1 15 ? 2.408   5.393   0.939   1.00 0.32 ? 10 DG A N2     1 
ATOM 363 N N3     . DG A 1 15 ? 2.305   5.109   -1.340  1.00 0.26 ? 10 DG A N3     1 
ATOM 364 C C4     . DG A 1 15 ? 1.563   4.543   -2.328  1.00 0.25 ? 10 DG A C4     1 
ATOM 365 H "H5'"  . DG A 1 15 ? 2.406   6.887   -8.018  1.00 0.41 ? 10 DG A "H5'"  1 
ATOM 366 H "H5''" . DG A 1 15 ? 3.983   6.246   -8.544  1.00 0.38 ? 10 DG A "H5''" 1 
ATOM 367 H "H4'"  . DG A 1 15 ? 4.197   7.027   -6.442  1.00 0.36 ? 10 DG A "H4'"  1 
ATOM 368 H "H3'"  . DG A 1 15 ? 4.676   4.349   -7.169  1.00 0.39 ? 10 DG A "H3'"  1 
ATOM 369 H "H2'"  . DG A 1 15 ? 3.092   3.265   -5.440  1.00 0.39 ? 10 DG A "H2'"  1 
ATOM 370 H "H2''" . DG A 1 15 ? 4.342   3.522   -4.388  1.00 0.36 ? 10 DG A "H2''" 1 
ATOM 371 H "H1'"  . DG A 1 15 ? 3.590   5.746   -3.647  1.00 0.33 ? 10 DG A "H1'"  1 
ATOM 372 H H8     . DG A 1 15 ? 0.680   3.643   -5.335  1.00 0.34 ? 10 DG A H8     1 
ATOM 373 H H1     . DG A 1 15 ? 0.267   4.148   1.043   1.00 0.29 ? 10 DG A H1     1 
ATOM 374 H H21    . DG A 1 15 ? 1.987   5.343   1.856   1.00 0.38 ? 10 DG A H21    1 
ATOM 375 H H22    . DG A 1 15 ? 3.324   5.804   0.820   1.00 0.40 ? 10 DG A H22    1 
ATOM 376 P P      . DA A 1 16 ? 6.962   4.034   -5.648  1.00 0.45 ? 11 DA A P      1 
ATOM 377 O OP1    . DA A 1 16 ? 8.298   4.620   -5.874  1.00 0.51 ? 11 DA A OP1    1 
ATOM 378 O OP2    . DA A 1 16 ? 6.539   2.823   -6.386  1.00 0.56 ? 11 DA A OP2    1 
ATOM 379 O "O5'"  . DA A 1 16 ? 6.750   3.775   -4.064  1.00 0.51 ? 11 DA A "O5'"  1 
ATOM 380 C "C5'"  . DA A 1 16 ? 6.799   4.860   -3.120  1.00 0.45 ? 11 DA A "C5'"  1 
ATOM 381 C "C4'"  . DA A 1 16 ? 6.349   4.443   -1.732  1.00 0.46 ? 11 DA A "C4'"  1 
ATOM 382 O "O4'"  . DA A 1 16 ? 5.008   3.877   -1.797  1.00 0.48 ? 11 DA A "O4'"  1 
ATOM 383 C "C3'"  . DA A 1 16 ? 7.224   3.199   -1.269  1.00 0.46 ? 11 DA A "C3'"  1 
ATOM 384 O "O3'"  . DA A 1 16 ? 8.339   3.541   -0.447  1.00 0.50 ? 11 DA A "O3'"  1 
ATOM 385 C "C2'"  . DA A 1 16 ? 6.161   2.301   -0.444  1.00 0.41 ? 11 DA A "C2'"  1 
ATOM 386 C "C1'"  . DA A 1 16 ? 4.779   3.027   -0.648  1.00 0.39 ? 11 DA A "C1'"  1 
ATOM 387 N N9     . DA A 1 16 ? 3.763   1.975   -0.900  1.00 0.34 ? 11 DA A N9     1 
ATOM 388 C C8     . DA A 1 16 ? 3.534   1.270   -2.046  1.00 0.34 ? 11 DA A C8     1 
ATOM 389 N N7     . DA A 1 16 ? 2.549   0.427   -1.972  1.00 0.31 ? 11 DA A N7     1 
ATOM 390 C C5     . DA A 1 16 ? 2.087   0.574   -0.677  1.00 0.29 ? 11 DA A C5     1 
ATOM 391 C C6     . DA A 1 16 ? 1.051   -0.046  0.025   1.00 0.30 ? 11 DA A C6     1 
ATOM 392 N N6     . DA A 1 16 ? 0.236   -0.962  -0.496  1.00 0.32 ? 11 DA A N6     1 
ATOM 393 N N1     . DA A 1 16 ? 0.861   0.327   1.294   1.00 0.31 ? 11 DA A N1     1 
ATOM 394 C C2     . DA A 1 16 ? 1.642   1.253   1.832   1.00 0.32 ? 11 DA A C2     1 
ATOM 395 N N3     . DA A 1 16 ? 2.646   1.913   1.273   1.00 0.31 ? 11 DA A N3     1 
ATOM 396 C C4     . DA A 1 16 ? 2.821   1.516   -0.006  1.00 0.30 ? 11 DA A C4     1 
ATOM 397 H "H5'"  . DA A 1 16 ? 6.137   5.674   -3.414  1.00 0.51 ? 11 DA A "H5'"  1 
ATOM 398 H "H5''" . DA A 1 16 ? 7.820   5.240   -3.067  1.00 0.43 ? 11 DA A "H5''" 1 
ATOM 399 H "H4'"  . DA A 1 16 ? 6.378   5.419   -1.248  1.00 0.49 ? 11 DA A "H4'"  1 
ATOM 400 H "H3'"  . DA A 1 16 ? 7.717   2.750   -2.133  1.00 0.48 ? 11 DA A "H3'"  1 
ATOM 401 H "H2'"  . DA A 1 16 ? 6.163   1.311   -0.899  1.00 0.39 ? 11 DA A "H2'"  1 
ATOM 402 H "H2''" . DA A 1 16 ? 6.284   2.266   0.640   1.00 0.41 ? 11 DA A "H2''" 1 
ATOM 403 H "H1'"  . DA A 1 16 ? 4.347   3.692   0.100   1.00 0.43 ? 11 DA A "H1'"  1 
ATOM 404 H H8     . DA A 1 16 ? 4.127   1.354   -2.956  1.00 0.40 ? 11 DA A H8     1 
ATOM 405 H H61    . DA A 1 16 ? -0.522  -1.314  0.069   1.00 0.31 ? 11 DA A H61    1 
ATOM 406 H H62    . DA A 1 16 ? 0.347   -1.310  -1.438  1.00 0.39 ? 11 DA A H62    1 
ATOM 407 H H2     . DA A 1 16 ? 1.434   1.496   2.874   1.00 0.33 ? 11 DA A H2     1 
ATOM 408 P P      . DG A 1 17 ? 9.233   2.383   0.233   1.00 0.41 ? 12 DG A P      1 
ATOM 409 O OP1    . DG A 1 17 ? 10.536  2.979   0.587   1.00 0.52 ? 12 DG A OP1    1 
ATOM 410 O OP2    . DG A 1 17 ? 9.170   1.155   -0.596  1.00 0.42 ? 12 DG A OP2    1 
ATOM 411 O "O5'"  . DG A 1 17 ? 8.393   2.164   1.558   1.00 0.41 ? 12 DG A "O5'"  1 
ATOM 412 C "C5'"  . DG A 1 17 ? 7.973   3.282   2.349   1.00 0.50 ? 12 DG A "C5'"  1 
ATOM 413 C "C4'"  . DG A 1 17 ? 7.234   2.774   3.549   1.00 0.56 ? 12 DG A "C4'"  1 
ATOM 414 O "O4'"  . DG A 1 17 ? 6.136   1.947   3.106   1.00 0.56 ? 12 DG A "O4'"  1 
ATOM 415 C "C3'"  . DG A 1 17 ? 8.201   1.826   4.334   1.00 0.50 ? 12 DG A "C3'"  1 
ATOM 416 O "O3'"  . DG A 1 17 ? 8.078   2.088   5.724   1.00 0.72 ? 12 DG A "O3'"  1 
ATOM 417 C "C2'"  . DG A 1 17 ? 7.700   0.385   4.029   1.00 0.42 ? 12 DG A "C2'"  1 
ATOM 418 C "C1'"  . DG A 1 17 ? 6.182   0.683   3.794   1.00 0.46 ? 12 DG A "C1'"  1 
ATOM 419 N N9     . DG A 1 17 ? 5.437   -0.313  3.002   1.00 0.38 ? 12 DG A N9     1 
ATOM 420 C C8     . DG A 1 17 ? 5.612   -0.794  1.734   1.00 0.35 ? 12 DG A C8     1 
ATOM 421 N N7     . DG A 1 17 ? 4.702   -1.649  1.357   1.00 0.34 ? 12 DG A N7     1 
ATOM 422 C C5     . DG A 1 17 ? 3.870   -1.741  2.459   1.00 0.32 ? 12 DG A C5     1 
ATOM 423 C C6     . DG A 1 17 ? 2.703   -2.513  2.658   1.00 0.32 ? 12 DG A C6     1 
ATOM 424 O O6     . DG A 1 17 ? 2.145   -3.277  1.873   1.00 0.36 ? 12 DG A O6     1 
ATOM 425 N N1     . DG A 1 17 ? 2.185   -2.305  3.916   1.00 0.31 ? 12 DG A N1     1 
ATOM 426 C C2     . DG A 1 17 ? 2.718   -1.456  4.857   1.00 0.36 ? 12 DG A C2     1 
ATOM 427 N N2     . DG A 1 17 ? 2.124   -1.363  6.029   1.00 0.42 ? 12 DG A N2     1 
ATOM 428 N N3     . DG A 1 17 ? 3.809   -0.728  4.681   1.00 0.39 ? 12 DG A N3     1 
ATOM 429 C C4     . DG A 1 17 ? 4.323   -0.926  3.460   1.00 0.35 ? 12 DG A C4     1 
ATOM 430 H "H5'"  . DG A 1 17 ? 7.279   3.905   1.785   1.00 0.57 ? 12 DG A "H5'"  1 
ATOM 431 H "H5''" . DG A 1 17 ? 8.824   3.882   2.670   1.00 0.54 ? 12 DG A "H5''" 1 
ATOM 432 H "H4'"  . DG A 1 17 ? 6.857   3.671   4.041   1.00 0.67 ? 12 DG A "H4'"  1 
ATOM 433 H "H3'"  . DG A 1 17 ? 9.248   2.013   4.089   1.00 0.46 ? 12 DG A "H3'"  1 
ATOM 434 H "H2'"  . DG A 1 17 ? 8.199   -0.108  3.194   1.00 0.36 ? 12 DG A "H2'"  1 
ATOM 435 H "H2''" . DG A 1 17 ? 7.884   -0.243  4.900   1.00 0.46 ? 12 DG A "H2''" 1 
ATOM 436 H "H1'"  . DG A 1 17 ? 5.579   0.847   4.685   1.00 0.56 ? 12 DG A "H1'"  1 
ATOM 437 H H8     . DG A 1 17 ? 6.435   -0.536  1.067   1.00 0.36 ? 12 DG A H8     1 
ATOM 438 H H1     . DG A 1 17 ? 1.353   -2.838  4.130   1.00 0.32 ? 12 DG A H1     1 
ATOM 439 H H21    . DG A 1 17 ? 1.248   -1.833  6.205   1.00 0.42 ? 12 DG A H21    1 
ATOM 440 H H22    . DG A 1 17 ? 2.580   -0.802  6.734   1.00 0.52 ? 12 DG A H22    1 
ATOM 441 P P      . DG A 1 18 ? 9.033   1.338   6.777   1.00 0.84 ? 13 DG A P      1 
ATOM 442 O OP1    . DG A 1 18 ? 9.328   2.296   7.863   1.00 1.16 ? 13 DG A OP1    1 
ATOM 443 O OP2    . DG A 1 18 ? 10.142  0.679   6.053   1.00 0.84 ? 13 DG A OP2    1 
ATOM 444 O "O5'"  . DG A 1 18 ? 8.089   0.180   7.322   1.00 0.77 ? 13 DG A "O5'"  1 
ATOM 445 C "C5'"  . DG A 1 18 ? 7.022   0.433   8.230   1.00 0.72 ? 13 DG A "C5'"  1 
ATOM 446 C "C4'"  . DG A 1 18 ? 6.282   -0.843  8.533   1.00 0.61 ? 13 DG A "C4'"  1 
ATOM 447 O "O4'"  . DG A 1 18 ? 5.637   -1.358  7.330   1.00 0.55 ? 13 DG A "O4'"  1 
ATOM 448 C "C3'"  . DG A 1 18 ? 7.281   -1.926  9.053   1.00 0.55 ? 13 DG A "C3'"  1 
ATOM 449 O "O3'"  . DG A 1 18 ? 6.851   -2.445  10.323  1.00 0.56 ? 13 DG A "O3'"  1 
ATOM 450 C "C2'"  . DG A 1 18 ? 7.077   -2.976  7.925   1.00 0.47 ? 13 DG A "C2'"  1 
ATOM 451 C "C1'"  . DG A 1 18 ? 5.607   -2.781  7.417   1.00 0.43 ? 13 DG A "C1'"  1 
ATOM 452 N N9     . DG A 1 18 ? 5.375   -3.444  6.105   1.00 0.37 ? 13 DG A N9     1 
ATOM 453 C C8     . DG A 1 18 ? 6.115   -3.431  4.923   1.00 0.38 ? 13 DG A C8     1 
ATOM 454 N N7     . DG A 1 18 ? 5.576   -4.162  3.989   1.00 0.35 ? 13 DG A N7     1 
ATOM 455 C C5     . DG A 1 18 ? 4.429   -4.690  4.552   1.00 0.32 ? 13 DG A C5     1 
ATOM 456 C C6     . DG A 1 18 ? 3.461   -5.553  3.982   1.00 0.29 ? 13 DG A C6     1 
ATOM 457 O O6     . DG A 1 18 ? 3.421   -6.023  2.848   1.00 0.32 ? 13 DG A O6     1 
ATOM 458 N N1     . DG A 1 18 ? 2.461   -5.857  4.874   1.00 0.28 ? 13 DG A N1     1 
ATOM 459 C C2     . DG A 1 18 ? 2.387   -5.389  6.161   1.00 0.31 ? 13 DG A C2     1 
ATOM 460 N N2     . DG A 1 18 ? 1.360   -5.830  6.877   1.00 0.33 ? 13 DG A N2     1 
ATOM 461 N N3     . DG A 1 18 ? 3.289   -4.569  6.704   1.00 0.32 ? 13 DG A N3     1 
ATOM 462 C C4     . DG A 1 18 ? 4.288   -4.261  5.844   1.00 0.33 ? 13 DG A C4     1 
ATOM 463 H "H5'"  . DG A 1 18 ? 6.326   1.158   7.809   1.00 0.80 ? 13 DG A "H5'"  1 
ATOM 464 H "H5''" . DG A 1 18 ? 7.437   0.811   9.165   1.00 0.81 ? 13 DG A "H5''" 1 
ATOM 465 H "H4'"  . DG A 1 18 ? 5.544   -0.570  9.287   1.00 0.67 ? 13 DG A "H4'"  1 
ATOM 466 H "H3'"  . DG A 1 18 ? 8.272   -1.505  9.224   1.00 0.62 ? 13 DG A "H3'"  1 
ATOM 467 H "H2'"  . DG A 1 18 ? 7.821   -2.859  7.136   1.00 0.49 ? 13 DG A "H2'"  1 
ATOM 468 H "H2''" . DG A 1 18 ? 7.367   -3.993  8.188   1.00 0.47 ? 13 DG A "H2''" 1 
ATOM 469 H "H1'"  . DG A 1 18 ? 4.740   -3.010  8.036   1.00 0.43 ? 13 DG A "H1'"  1 
ATOM 470 H H8     . DG A 1 18 ? 7.039   -2.915  4.659   1.00 0.40 ? 13 DG A H8     1 
ATOM 471 H H1     . DG A 1 18 ? 1.751   -6.474  4.506   1.00 0.27 ? 13 DG A H1     1 
ATOM 472 H H21    . DG A 1 18 ? 0.632   -6.390  6.456   1.00 0.34 ? 13 DG A H21    1 
ATOM 473 H H22    . DG A 1 18 ? 1.343   -5.586  7.856   1.00 0.42 ? 13 DG A H22    1 
ATOM 474 P P      . DA A 1 19 ? 7.044   -3.973  10.830  1.00 0.56 ? 14 DA A P      1 
ATOM 475 O OP1    . DA A 1 19 ? 6.945   -3.931  12.298  1.00 0.72 ? 14 DA A OP1    1 
ATOM 476 O OP2    . DA A 1 19 ? 8.239   -4.562  10.184  1.00 0.62 ? 14 DA A OP2    1 
ATOM 477 O "O5'"  . DA A 1 19 ? 5.739   -4.713  10.242  1.00 0.43 ? 14 DA A "O5'"  1 
ATOM 478 C "C5'"  . DA A 1 19 ? 4.447   -4.468  10.822  1.00 0.43 ? 14 DA A "C5'"  1 
ATOM 479 C "C4'"  . DA A 1 19 ? 3.414   -5.569  10.580  1.00 0.30 ? 14 DA A "C4'"  1 
ATOM 480 O "O4'"  . DA A 1 19 ? 3.274   -5.827  9.143   1.00 0.28 ? 14 DA A "O4'"  1 
ATOM 481 C "C3'"  . DA A 1 19 ? 3.797   -6.968  11.160  1.00 0.25 ? 14 DA A "C3'"  1 
ATOM 482 O "O3'"  . DA A 1 19 ? 2.604   -7.756  11.320  1.00 0.28 ? 14 DA A "O3'"  1 
ATOM 483 C "C2'"  . DA A 1 19 ? 4.535   -7.597  9.974   1.00 0.26 ? 14 DA A "C2'"  1 
ATOM 484 C "C1'"  . DA A 1 19 ? 3.612   -7.203  8.807   1.00 0.24 ? 14 DA A "C1'"  1 
ATOM 485 N N9     . DA A 1 19 ? 4.266   -7.391  7.475   1.00 0.24 ? 14 DA A N9     1 
ATOM 486 C C8     . DA A 1 19 ? 5.428   -6.858  6.943   1.00 0.26 ? 14 DA A C8     1 
ATOM 487 N N7     . DA A 1 19 ? 5.667   -7.177  5.714   1.00 0.26 ? 14 DA A N7     1 
ATOM 488 C C5     . DA A 1 19 ? 4.596   -7.986  5.396   1.00 0.22 ? 14 DA A C5     1 
ATOM 489 C C6     . DA A 1 19 ? 4.266   -8.641  4.233   1.00 0.23 ? 14 DA A C6     1 
ATOM 490 N N6     . DA A 1 19 ? 4.979   -8.550  3.137   1.00 0.25 ? 14 DA A N6     1 
ATOM 491 N N1     . DA A 1 19 ? 3.161   -9.357  4.235   1.00 0.25 ? 14 DA A N1     1 
ATOM 492 C C2     . DA A 1 19 ? 2.402   -9.445  5.300   1.00 0.26 ? 14 DA A C2     1 
ATOM 493 N N3     . DA A 1 19 ? 2.595   -8.862  6.479   1.00 0.25 ? 14 DA A N3     1 
ATOM 494 C C4     . DA A 1 19 ? 3.737   -8.131  6.452   1.00 0.22 ? 14 DA A C4     1 
ATOM 495 H "H5'"  . DA A 1 19 ? 4.051   -3.552  10.386  1.00 0.53 ? 14 DA A "H5'"  1 
ATOM 496 H "H5''" . DA A 1 19 ? 4.534   -4.331  11.901  1.00 0.52 ? 14 DA A "H5''" 1 
ATOM 497 H "H4'"  . DA A 1 19 ? 2.566   -5.096  11.074  1.00 0.35 ? 14 DA A "H4'"  1 
ATOM 498 H "H3'"  . DA A 1 19 ? 4.326   -6.907  12.112  1.00 0.31 ? 14 DA A "H3'"  1 
ATOM 499 H "H2'"  . DA A 1 19 ? 5.556   -7.240  9.842   1.00 0.32 ? 14 DA A "H2'"  1 
ATOM 500 H "H2''" . DA A 1 19 ? 4.737   -8.663  10.084  1.00 0.32 ? 14 DA A "H2''" 1 
ATOM 501 H "H1'"  . DA A 1 19 ? 2.626   -7.666  8.769   1.00 0.27 ? 14 DA A "H1'"  1 
ATOM 502 H H8     . DA A 1 19 ? 6.186   -6.241  7.424   1.00 0.30 ? 14 DA A H8     1 
ATOM 503 H H61    . DA A 1 19 ? 4.634   -8.794  2.219   1.00 0.28 ? 14 DA A H61    1 
ATOM 504 H H62    . DA A 1 19 ? 5.927   -8.204  3.186   1.00 0.27 ? 14 DA A H62    1 
ATOM 505 H H2     . DA A 1 19 ? 1.564   -10.108 5.089   1.00 0.28 ? 14 DA A H2     1 
ATOM 506 P P      . DT A 1 20 L 2.563   -9.273  11.869  1.00 0.43 ? 6  DT A P      1 
ATOM 507 O OP1    . DT A 1 20 L 1.198   -9.476  12.416  1.00 0.57 ? 6  DT A OP1    1 
ATOM 508 O OP2    . DT A 1 20 L 3.739   -9.477  12.743  1.00 0.71 ? 6  DT A OP2    1 
ATOM 509 O "O5'"  . DT A 1 20 L 2.773   -10.294 10.608  1.00 0.48 ? 6  DT A "O5'"  1 
ATOM 510 C "C5'"  . DT A 1 20 L 1.646   -11.001 10.038  1.00 0.51 ? 6  DT A "C5'"  1 
ATOM 511 C "C4'"  . DT A 1 20 L 1.913   -12.314 9.253   1.00 0.47 ? 6  DT A "C4'"  1 
ATOM 512 O "O4'"  . DT A 1 20 L 2.646   -12.154 8.021   1.00 0.45 ? 6  DT A "O4'"  1 
ATOM 513 C "C3'"  . DT A 1 20 L 2.501   -13.506 10.012  1.00 0.52 ? 6  DT A "C3'"  1 
ATOM 514 O "O3'"  . DT A 1 20 L 1.589   -14.548 9.642   1.00 0.60 ? 6  DT A "O3'"  1 
ATOM 515 C "C2'"  . DT A 1 20 L 3.858   -13.808 9.222   1.00 0.42 ? 6  DT A "C2'"  1 
ATOM 516 C "C1'"  . DT A 1 20 L 3.551   -13.244 7.734   1.00 0.33 ? 6  DT A "C1'"  1 
ATOM 517 N N1     . DT A 1 20 L 4.628   -12.484 7.032   1.00 0.28 ? 6  DT A N1     1 
ATOM 518 C C2     . DT A 1 20 L 4.934   -12.754 5.706   1.00 0.28 ? 6  DT A C2     1 
ATOM 519 O O2     . DT A 1 20 L 4.406   -13.647 5.047   1.00 0.35 ? 6  DT A O2     1 
ATOM 520 N N3     . DT A 1 20 L 5.898   -11.924 5.149   1.00 0.27 ? 6  DT A N3     1 
ATOM 521 C C4     . DT A 1 20 L 6.552   -10.911 5.730   1.00 0.29 ? 6  DT A C4     1 
ATOM 522 O O4     . DT A 1 20 L 7.373   -10.276 5.077   1.00 0.36 ? 6  DT A O4     1 
ATOM 523 C C5     . DT A 1 20 L 6.176   -10.714 7.073   1.00 0.29 ? 6  DT A C5     1 
ATOM 524 C C7     . DT A 1 20 L 6.778   -9.600  7.818   1.00 0.34 ? 6  DT A C7     1 
ATOM 525 C C6     . DT A 1 20 L 5.267   -11.475 7.671   1.00 0.28 ? 6  DT A C6     1 
ATOM 526 H "H5'"  . DT A 1 20 L 1.150   -10.317 9.348   1.00 0.59 ? 6  DT A "H5'"  1 
ATOM 527 H "H5''" . DT A 1 20 L 0.947   -11.247 10.838  1.00 0.59 ? 6  DT A "H5''" 1 
ATOM 528 H "H4'"  . DT A 1 20 L 0.919   -12.678 8.991   1.00 0.54 ? 6  DT A "H4'"  1 
ATOM 529 H "H3'"  . DT A 1 20 L 2.357   -13.340 11.079  1.00 0.62 ? 6  DT A "H3'"  1 
ATOM 530 H "HO3'" . DT A 1 20 L 1.566   -15.210 10.336  1.00 0.81 ? 6  DT A "HO3'" 1 
ATOM 531 H "H2'"  . DT A 1 20 L 4.788   -13.540 9.724   1.00 0.47 ? 6  DT A "H2'"  1 
ATOM 532 H "H2''" . DT A 1 20 L 3.986   -14.888 9.133   1.00 0.48 ? 6  DT A "H2''" 1 
ATOM 533 H "H1'"  . DT A 1 20 L 3.084   -13.852 6.960   1.00 0.37 ? 6  DT A "H1'"  1 
ATOM 534 H H3     . DT A 1 20 L 6.244   -11.994 4.202   1.00 0.28 ? 6  DT A H3     1 
ATOM 535 H H71    . DT A 1 20 L 7.451   -9.085  7.132   1.00 0.86 ? 6  DT A H71    1 
ATOM 536 H H72    . DT A 1 20 L 5.916   -8.980  8.067   1.00 0.73 ? 6  DT A H72    1 
ATOM 537 H H73    . DT A 1 20 L 7.245   -10.050 8.696   1.00 0.93 ? 6  DT A H73    1 
ATOM 538 H H6     . DT A 1 20 L 5.066   -11.277 8.724   1.00 0.33 ? 6  DT A H6     1 
ATOM 539 O "O5'"  . DT A 1 24 L 9.557   -9.550  3.112   1.00 1.04 ? 10 DT A "O5'"  1 
ATOM 540 C "C5'"  . DT A 1 24 L 10.365  -10.685 3.408   1.00 1.10 ? 10 DT A "C5'"  1 
ATOM 541 C "C4'"  . DT A 1 24 L 10.026  -11.875 2.519   1.00 1.19 ? 10 DT A "C4'"  1 
ATOM 542 O "O4'"  . DT A 1 24 L 8.677   -12.323 2.703   1.00 1.04 ? 10 DT A "O4'"  1 
ATOM 543 C "C3'"  . DT A 1 24 L 10.115  -11.554 1.026   1.00 1.37 ? 10 DT A "C3'"  1 
ATOM 544 O "O3'"  . DT A 1 24 L 11.363  -11.892 0.407   1.00 1.67 ? 10 DT A "O3'"  1 
ATOM 545 C "C2'"  . DT A 1 24 L 9.001   -12.406 0.461   1.00 1.48 ? 10 DT A "C2'"  1 
ATOM 546 C "C1'"  . DT A 1 24 L 8.470   -13.237 1.618   1.00 1.20 ? 10 DT A "C1'"  1 
ATOM 547 N N1     . DT A 1 24 L 7.042   -13.627 1.499   1.00 1.06 ? 10 DT A N1     1 
ATOM 548 C C2     . DT A 1 24 L 6.367   -13.913 2.670   1.00 0.83 ? 10 DT A C2     1 
ATOM 549 O O2     . DT A 1 24 L 6.892   -13.883 3.779   1.00 0.76 ? 10 DT A O2     1 
ATOM 550 N N3     . DT A 1 24 L 5.049   -14.259 2.554   1.00 0.77 ? 10 DT A N3     1 
ATOM 551 C C4     . DT A 1 24 L 4.333   -14.354 1.389   1.00 0.96 ? 10 DT A C4     1 
ATOM 552 O O4     . DT A 1 24 L 3.149   -14.674 1.411   1.00 1.00 ? 10 DT A O4     1 
ATOM 553 C C5     . DT A 1 24 L 5.103   -14.046 0.206   1.00 1.15 ? 10 DT A C5     1 
ATOM 554 C C7     . DT A 1 24 L 4.428   -14.124 -1.158  1.00 1.34 ? 10 DT A C7     1 
ATOM 555 C C6     . DT A 1 24 L 6.402   -13.698 0.290   1.00 1.20 ? 10 DT A C6     1 
ATOM 556 H "H5'"  . DT A 1 24 L 10.203  -10.965 4.449   1.00 1.02 ? 10 DT A "H5'"  1 
ATOM 557 H "H5''" . DT A 1 24 L 11.413  -10.423 3.261   1.00 1.27 ? 10 DT A "H5''" 1 
ATOM 558 H "H4'"  . DT A 1 24 L 10.729  -12.681 2.734   1.00 1.30 ? 10 DT A "H4'"  1 
ATOM 559 H "H3'"  . DT A 1 24 L 9.811   -10.521 0.859   1.00 1.25 ? 10 DT A "H3'"  1 
ATOM 560 H "H2'"  . DT A 1 24 L 8.231   -11.706 0.139   1.00 1.45 ? 10 DT A "H2'"  1 
ATOM 561 H "H2''" . DT A 1 24 L 9.323   -13.044 -0.362  1.00 1.84 ? 10 DT A "H2''" 1 
ATOM 562 H "H1'"  . DT A 1 24 L 9.074   -14.136 1.744   1.00 1.34 ? 10 DT A "H1'"  1 
ATOM 563 H H3     . DT A 1 24 L 4.582   -14.448 3.429   1.00 0.64 ? 10 DT A H3     1 
ATOM 564 H H71    . DT A 1 24 L 3.390   -14.427 -1.016  1.00 1.36 ? 10 DT A H71    1 
ATOM 565 H H72    . DT A 1 24 L 4.466   -13.144 -1.636  1.00 1.46 ? 10 DT A H72    1 
ATOM 566 H H73    . DT A 1 24 L 4.938   -14.862 -1.775  1.00 1.42 ? 10 DT A H73    1 
ATOM 567 H H6     . DT A 1 24 L 6.950   -13.471 -0.624  1.00 1.37 ? 10 DT A H6     1 
ATOM 568 H "HO5'" . DT A 1 24 L 9.796   -9.229  2.240   1.00 0.97 ? 10 DT A "HO5'" 1 
ATOM 569 P P      . DT A 1 25 ? 12.685  -10.946 0.438   1.00 1.50 ? 15 DT A P      1 
ATOM 570 O OP1    . DT A 1 25 ? 13.808  -11.741 -0.091  1.00 2.09 ? 15 DT A OP1    1 
ATOM 571 O OP2    . DT A 1 25 ? 12.781  -10.338 1.783   1.00 1.44 ? 15 DT A OP2    1 
ATOM 572 O "O5'"  . DT A 1 25 ? 12.435  -9.765  -0.625  1.00 1.08 ? 15 DT A "O5'"  1 
ATOM 573 C "C5'"  . DT A 1 25 ? 11.194  -9.588  -1.304  1.00 1.04 ? 15 DT A "C5'"  1 
ATOM 574 C "C4'"  . DT A 1 25 ? 10.400  -8.465  -0.681  1.00 0.85 ? 15 DT A "C4'"  1 
ATOM 575 O "O4'"  . DT A 1 25 ? 10.197  -8.596  0.731   1.00 0.81 ? 15 DT A "O4'"  1 
ATOM 576 C "C3'"  . DT A 1 25 ? 11.089  -7.127  -0.795  1.00 0.56 ? 15 DT A "C3'"  1 
ATOM 577 O "O3'"  . DT A 1 25 ? 10.963  -6.853  -2.188  1.00 0.73 ? 15 DT A "O3'"  1 
ATOM 578 C "C2'"  . DT A 1 25 ? 9.921   -6.333  0.041   1.00 0.59 ? 15 DT A "C2'"  1 
ATOM 579 C "C1'"  . DT A 1 25 ? 9.382   -7.459  1.014   1.00 0.66 ? 15 DT A "C1'"  1 
ATOM 580 N N1     . DT A 1 25 ? 9.403   -7.042  2.431   1.00 0.40 ? 15 DT A N1     1 
ATOM 581 C C2     . DT A 1 25 ? 8.217   -7.229  3.079   1.00 0.38 ? 15 DT A C2     1 
ATOM 582 O O2     . DT A 1 25 ? 7.257   -7.639  2.461   1.00 0.62 ? 15 DT A O2     1 
ATOM 583 N N3     . DT A 1 25 ? 8.141   -6.908  4.398   1.00 0.29 ? 15 DT A N3     1 
ATOM 584 C C4     . DT A 1 25 ? 9.173   -6.389  5.138   1.00 0.47 ? 15 DT A C4     1 
ATOM 585 O O4     . DT A 1 25 ? 9.004   -6.129  6.326   1.00 0.69 ? 15 DT A O4     1 
ATOM 586 C C5     . DT A 1 25 ? 10.404  -6.203  4.384   1.00 0.47 ? 15 DT A C5     1 
ATOM 587 C C7     . DT A 1 25 ? 11.615  -5.598  5.068   1.00 0.74 ? 15 DT A C7     1 
ATOM 588 C C6     . DT A 1 25 ? 10.487  -6.533  3.079   1.00 0.34 ? 15 DT A C6     1 
ATOM 589 H "H5'"  . DT A 1 25 ? 10.588  -10.492 -1.274  1.00 1.31 ? 15 DT A "H5'"  1 
ATOM 590 H "H5''" . DT A 1 25 ? 11.404  -9.331  -2.343  1.00 1.02 ? 15 DT A "H5''" 1 
ATOM 591 H "H4'"  . DT A 1 25 ? 9.446   -8.419  -1.205  1.00 1.04 ? 15 DT A "H4'"  1 
ATOM 592 H "H3'"  . DT A 1 25 ? 12.123  -7.347  -0.528  1.00 0.51 ? 15 DT A "H3'"  1 
ATOM 593 H "H2'"  . DT A 1 25 ? 10.237  -5.439  0.580   1.00 0.54 ? 15 DT A "H2'"  1 
ATOM 594 H "H2''" . DT A 1 25 ? 9.064   -5.991  -0.538  1.00 0.81 ? 15 DT A "H2''" 1 
ATOM 595 H "H1'"  . DT A 1 25 ? 8.417   -7.949  0.878   1.00 0.90 ? 15 DT A "H1'"  1 
ATOM 596 H H3     . DT A 1 25 ? 7.256   -7.093  4.848   1.00 0.28 ? 15 DT A H3     1 
ATOM 597 H H71    . DT A 1 25 ? 11.350  -5.388  6.104   1.00 0.96 ? 15 DT A H71    1 
ATOM 598 H H72    . DT A 1 25 ? 12.455  -6.289  5.014   1.00 0.86 ? 15 DT A H72    1 
ATOM 599 H H73    . DT A 1 25 ? 11.862  -4.664  4.561   1.00 0.82 ? 15 DT A H73    1 
ATOM 600 H H6     . DT A 1 25 ? 11.432  -6.399  2.553   1.00 0.39 ? 15 DT A H6     1 
ATOM 601 P P      . DG A 1 26 ? 11.463  -5.504  -2.889  1.00 0.51 ? 16 DG A P      1 
ATOM 602 O OP1    . DG A 1 26 ? 12.934  -5.548  -2.928  1.00 0.47 ? 16 DG A OP1    1 
ATOM 603 O OP2    . DG A 1 26 ? 10.787  -4.366  -2.234  1.00 0.86 ? 16 DG A OP2    1 
ATOM 604 O "O5'"  . DG A 1 26 ? 10.954  -5.648  -4.410  1.00 0.73 ? 16 DG A "O5'"  1 
ATOM 605 C "C5'"  . DG A 1 26 ? 9.810   -6.414  -4.820  1.00 0.80 ? 16 DG A "C5'"  1 
ATOM 606 C "C4'"  . DG A 1 26 ? 8.493   -5.653  -4.733  1.00 0.76 ? 16 DG A "C4'"  1 
ATOM 607 O "O4'"  . DG A 1 26 ? 8.159   -5.253  -3.393  1.00 0.66 ? 16 DG A "O4'"  1 
ATOM 608 C "C3'"  . DG A 1 26 ? 8.510   -4.330  -5.525  1.00 0.81 ? 16 DG A "C3'"  1 
ATOM 609 O "O3'"  . DG A 1 26 ? 7.284   -4.188  -6.195  1.00 1.01 ? 16 DG A "O3'"  1 
ATOM 610 C "C2'"  . DG A 1 26 ? 8.423   -3.268  -4.485  1.00 0.71 ? 16 DG A "C2'"  1 
ATOM 611 C "C1'"  . DG A 1 26 ? 7.582   -3.932  -3.408  1.00 0.60 ? 16 DG A "C1'"  1 
ATOM 612 N N9     . DG A 1 26 ? 7.806   -3.336  -2.088  1.00 0.50 ? 16 DG A N9     1 
ATOM 613 C C8     . DG A 1 26 ? 8.698   -2.358  -1.676  1.00 0.53 ? 16 DG A C8     1 
ATOM 614 N N7     . DG A 1 26 ? 8.649   -2.147  -0.394  1.00 0.45 ? 16 DG A N7     1 
ATOM 615 C C5     . DG A 1 26 ? 7.674   -3.021  0.069   1.00 0.36 ? 16 DG A C5     1 
ATOM 616 C C6     . DG A 1 26 ? 7.181   -3.242  1.381   1.00 0.31 ? 16 DG A C6     1 
ATOM 617 O O6     . DG A 1 26 ? 7.544   -2.709  2.423   1.00 0.34 ? 16 DG A O6     1 
ATOM 618 N N1     . DG A 1 26 ? 6.192   -4.206  1.413   1.00 0.28 ? 16 DG A N1     1 
ATOM 619 C C2     . DG A 1 26 ? 5.741   -4.876  0.316   1.00 0.31 ? 16 DG A C2     1 
ATOM 620 N N2     . DG A 1 26 ? 4.784   -5.762  0.509   1.00 0.35 ? 16 DG A N2     1 
ATOM 621 N N3     . DG A 1 26 ? 6.195   -4.685  -0.918  1.00 0.36 ? 16 DG A N3     1 
ATOM 622 C C4     . DG A 1 26 ? 7.156   -3.742  -0.965  1.00 0.39 ? 16 DG A C4     1 
ATOM 623 H "H5'"  . DG A 1 26 ? 9.713   -7.314  -4.212  1.00 0.83 ? 16 DG A "H5'"  1 
ATOM 624 H "H5''" . DG A 1 26 ? 9.971   -6.709  -5.857  1.00 0.97 ? 16 DG A "H5''" 1 
ATOM 625 H "H4'"  . DG A 1 26 ? 7.741   -6.344  -5.116  1.00 0.83 ? 16 DG A "H4'"  1 
ATOM 626 H "H3'"  . DG A 1 26 ? 9.425   -4.179  -6.098  1.00 0.90 ? 16 DG A "H3'"  1 
ATOM 627 H "H2'"  . DG A 1 26 ? 9.466   -3.127  -4.203  1.00 0.75 ? 16 DG A "H2'"  1 
ATOM 628 H "H2''" . DG A 1 26 ? 8.019   -2.308  -4.809  1.00 0.75 ? 16 DG A "H2''" 1 
ATOM 629 H "H1'"  . DG A 1 26 ? 6.525   -4.044  -3.652  1.00 0.56 ? 16 DG A "H1'"  1 
ATOM 630 H H8     . DG A 1 26 ? 9.366   -1.768  -2.303  1.00 0.63 ? 16 DG A H8     1 
ATOM 631 H H1     . DG A 1 26 ? 5.793   -4.392  2.322   1.00 0.28 ? 16 DG A H1     1 
ATOM 632 H H21    . DG A 1 26 ? 4.375   -5.900  1.423   1.00 0.33 ? 16 DG A H21    1 
ATOM 633 H H22    . DG A 1 26 ? 4.469   -6.306  -0.282  1.00 0.49 ? 16 DG A H22    1 
ATOM 634 P P      . DG A 1 27 ? 7.046   -4.407  -7.728  1.00 0.36 ? 17 DG A P      1 
ATOM 635 O OP1    . DG A 1 27 ? 7.762   -5.611  -8.211  1.00 0.81 ? 17 DG A OP1    1 
ATOM 636 O OP2    . DG A 1 27 ? 7.156   -3.100  -8.424  1.00 0.96 ? 17 DG A OP2    1 
ATOM 637 O "O5'"  . DG A 1 27 ? 5.503   -4.742  -7.533  1.00 0.67 ? 17 DG A "O5'"  1 
ATOM 638 C "C5'"  . DG A 1 27 ? 4.851   -6.011  -7.427  1.00 0.58 ? 17 DG A "C5'"  1 
ATOM 639 C "C4'"  . DG A 1 27 ? 3.362   -5.758  -7.150  1.00 0.46 ? 17 DG A "C4'"  1 
ATOM 640 O "O4'"  . DG A 1 27 ? 3.200   -5.021  -5.895  1.00 0.42 ? 17 DG A "O4'"  1 
ATOM 641 C "C3'"  . DG A 1 27 ? 2.782   -4.768  -8.219  1.00 0.41 ? 17 DG A "C3'"  1 
ATOM 642 O "O3'"  . DG A 1 27 ? 1.357   -4.965  -8.294  1.00 0.43 ? 17 DG A "O3'"  1 
ATOM 643 C "C2'"  . DG A 1 27 ? 3.096   -3.355  -7.624  1.00 0.36 ? 17 DG A "C2'"  1 
ATOM 644 C "C1'"  . DG A 1 27 ? 2.870   -3.601  -6.057  1.00 0.34 ? 17 DG A "C1'"  1 
ATOM 645 N N9     . DG A 1 27 ? 3.779   -2.784  -5.206  1.00 0.32 ? 17 DG A N9     1 
ATOM 646 C C8     . DG A 1 27 ? 4.850   -1.963  -5.534  1.00 0.34 ? 17 DG A C8     1 
ATOM 647 N N7     . DG A 1 27 ? 5.412   -1.408  -4.498  1.00 0.35 ? 17 DG A N7     1 
ATOM 648 C C5     . DG A 1 27 ? 4.684   -1.874  -3.409  1.00 0.32 ? 17 DG A C5     1 
ATOM 649 C C6     . DG A 1 27 ? 4.842   -1.603  -2.018  1.00 0.32 ? 17 DG A C6     1 
ATOM 650 O O6     . DG A 1 27 ? 5.665   -0.886  -1.458  1.00 0.34 ? 17 DG A O6     1 
ATOM 651 N N1     . DG A 1 27 ? 3.908   -2.265  -1.259  1.00 0.34 ? 17 DG A N1     1 
ATOM 652 C C2     . DG A 1 27 ? 2.942   -3.086  -1.770  1.00 0.36 ? 17 DG A C2     1 
ATOM 653 N N2     . DG A 1 27 ? 2.106   -3.636  -0.918  1.00 0.44 ? 17 DG A N2     1 
ATOM 654 N N3     . DG A 1 27 ? 2.775   -3.358  -3.063  1.00 0.35 ? 17 DG A N3     1 
ATOM 655 C C4     . DG A 1 27 ? 3.682   -2.714  -3.829  1.00 0.32 ? 17 DG A C4     1 
ATOM 656 H "H5'"  . DG A 1 27 ? 5.255   -6.641  -6.633  1.00 0.68 ? 17 DG A "H5'"  1 
ATOM 657 H "H5''" . DG A 1 27 ? 4.972   -6.529  -8.380  1.00 0.65 ? 17 DG A "H5''" 1 
ATOM 658 H "H4'"  . DG A 1 27 ? 2.917   -6.753  -7.110  1.00 0.50 ? 17 DG A "H4'"  1 
ATOM 659 H "H3'"  . DG A 1 27 ? 3.221   -4.943  -9.202  1.00 0.48 ? 17 DG A "H3'"  1 
ATOM 660 H "H2'"  . DG A 1 27 ? 4.057   -2.990  -7.987  1.00 0.39 ? 17 DG A "H2'"  1 
ATOM 661 H "H2''" . DG A 1 27 ? 2.358   -2.634  -7.972  1.00 0.37 ? 17 DG A "H2''" 1 
ATOM 662 H "H1'"  . DG A 1 27 ? 1.902   -3.435  -5.584  1.00 0.35 ? 17 DG A "H1'"  1 
ATOM 663 H H8     . DG A 1 27 ? 5.250   -1.739  -6.522  1.00 0.37 ? 17 DG A H8     1 
ATOM 664 H H1     . DG A 1 27 ? 3.998   -2.102  -0.266  1.00 0.33 ? 17 DG A H1     1 
ATOM 665 H H21    . DG A 1 27 ? 2.184   -3.493  0.078   1.00 0.47 ? 17 DG A H21    1 
ATOM 666 H H22    . DG A 1 27 ? 1.373   -4.211  -1.310  1.00 0.54 ? 17 DG A H22    1 
ATOM 667 P P      . DT A 1 28 ? 0.399   -4.114  -9.273  1.00 0.43 ? 18 DT A P      1 
ATOM 668 O OP1    . DT A 1 28 ? 0.707   -4.546  -10.659 1.00 0.59 ? 18 DT A OP1    1 
ATOM 669 O OP2    . DT A 1 28 ? 0.481   -2.682  -8.906  1.00 0.72 ? 18 DT A OP2    1 
ATOM 670 O "O5'"  . DT A 1 28 ? -1.107  -4.626  -8.971  1.00 0.60 ? 18 DT A "O5'"  1 
ATOM 671 C "C5'"  . DT A 1 28 ? -1.616  -5.310  -7.811  1.00 0.46 ? 18 DT A "C5'"  1 
ATOM 672 C "C4'"  . DT A 1 28 ? -2.069  -4.383  -6.676  1.00 0.36 ? 18 DT A "C4'"  1 
ATOM 673 O "O4'"  . DT A 1 28 ? -0.928  -3.745  -6.074  1.00 0.39 ? 18 DT A "O4'"  1 
ATOM 674 C "C3'"  . DT A 1 28 ? -2.984  -3.253  -7.188  1.00 0.36 ? 18 DT A "C3'"  1 
ATOM 675 O "O3'"  . DT A 1 28 ? -4.357  -3.675  -7.129  1.00 0.42 ? 18 DT A "O3'"  1 
ATOM 676 C "C2'"  . DT A 1 28 ? -2.727  -2.187  -5.960  1.00 0.34 ? 18 DT A "C2'"  1 
ATOM 677 C "C1'"  . DT A 1 28 ? -1.342  -2.653  -5.237  1.00 0.34 ? 18 DT A "C1'"  1 
ATOM 678 N N1     . DT A 1 28 ? -0.303  -1.596  -5.372  1.00 0.30 ? 18 DT A N1     1 
ATOM 679 C C2     . DT A 1 28 ? 0.422   -1.258  -4.243  1.00 0.30 ? 18 DT A C2     1 
ATOM 680 O O2     . DT A 1 28 ? 0.218   -1.717  -3.124  1.00 0.30 ? 18 DT A O2     1 
ATOM 681 N N3     . DT A 1 28 ? 1.408   -0.332  -4.400  1.00 0.31 ? 18 DT A N3     1 
ATOM 682 C C4     . DT A 1 28 ? 1.755   0.306   -5.575  1.00 0.31 ? 18 DT A C4     1 
ATOM 683 O O4     . DT A 1 28 ? 2.665   1.132   -5.575  1.00 0.37 ? 18 DT A O4     1 
ATOM 684 C C5     . DT A 1 28 ? 0.945   -0.098  -6.720  1.00 0.29 ? 18 DT A C5     1 
ATOM 685 C C7     . DT A 1 28 ? 1.189   0.456   -8.134  1.00 0.32 ? 18 DT A C7     1 
ATOM 686 C C6     . DT A 1 28 ? -0.034  -1.006  -6.580  1.00 0.30 ? 18 DT A C6     1 
ATOM 687 H "H5'"  . DT A 1 28 ? -0.888  -6.023  -7.421  1.00 0.49 ? 18 DT A "H5'"  1 
ATOM 688 H "H5''" . DT A 1 28 ? -2.491  -5.854  -8.164  1.00 0.54 ? 18 DT A "H5''" 1 
ATOM 689 H "H4'"  . DT A 1 28 ? -2.620  -4.996  -5.964  1.00 0.40 ? 18 DT A "H4'"  1 
ATOM 690 H "H3'"  . DT A 1 28 ? -2.756  -3.211  -8.253  1.00 0.40 ? 18 DT A "H3'"  1 
ATOM 691 H "H2'"  . DT A 1 28 ? -2.747  -1.111  -6.143  1.00 0.34 ? 18 DT A "H2'"  1 
ATOM 692 H "H2''" . DT A 1 28 ? -3.571  -2.346  -5.288  1.00 0.40 ? 18 DT A "H2''" 1 
ATOM 693 H "H1'"  . DT A 1 28 ? -1.205  -3.101  -4.253  1.00 0.42 ? 18 DT A "H1'"  1 
ATOM 694 H H3     . DT A 1 28 ? 1.893   -0.125  -3.537  1.00 0.34 ? 18 DT A H3     1 
ATOM 695 H H71    . DT A 1 28 ? 1.448   -0.370  -8.795  1.00 0.49 ? 18 DT A H71    1 
ATOM 696 H H72    . DT A 1 28 ? 0.274   0.907   -8.522  1.00 0.44 ? 18 DT A H72    1 
ATOM 697 H H73    . DT A 1 28 ? 2.001   1.183   -8.138  1.00 0.45 ? 18 DT A H73    1 
ATOM 698 H H6     . DT A 1 28 ? -0.639  -1.232  -7.458  1.00 0.31 ? 18 DT A H6     1 
ATOM 699 P P      . DG A 1 29 ? -5.567  -2.861  -7.818  1.00 0.43 ? 19 DG A P      1 
ATOM 700 O OP1    . DG A 1 29 ? -6.605  -3.830  -8.240  1.00 0.56 ? 19 DG A OP1    1 
ATOM 701 O OP2    . DG A 1 29 ? -5.031  -1.881  -8.787  1.00 0.44 ? 19 DG A OP2    1 
ATOM 702 O "O5'"  . DG A 1 29 ? -6.117  -2.048  -6.572  1.00 0.61 ? 19 DG A "O5'"  1 
ATOM 703 C "C5'"  . DG A 1 29 ? -6.632  -2.701  -5.413  1.00 0.62 ? 19 DG A "C5'"  1 
ATOM 704 C "C4'"  . DG A 1 29 ? -7.472  -1.741  -4.623  1.00 0.50 ? 19 DG A "C4'"  1 
ATOM 705 O "O4'"  . DG A 1 29 ? -6.701  -0.565  -4.317  1.00 0.41 ? 19 DG A "O4'"  1 
ATOM 706 C "C3'"  . DG A 1 29 ? -8.695  -1.217  -5.410  1.00 0.58 ? 19 DG A "C3'"  1 
ATOM 707 O "O3'"  . DG A 1 29 ? -9.541  -0.869  -4.348  1.00 0.80 ? 19 DG A "O3'"  1 
ATOM 708 C "C2'"  . DG A 1 29 ? -8.201  0.073   -6.109  1.00 0.43 ? 19 DG A "C2'"  1 
ATOM 709 C "C1'"  . DG A 1 29 ? -7.142  0.619   -5.034  1.00 0.33 ? 19 DG A "C1'"  1 
ATOM 710 N N9     . DG A 1 29 ? -5.923  1.154   -5.692  1.00 0.30 ? 19 DG A N9     1 
ATOM 711 C C8     . DG A 1 29 ? -5.586  1.369   -7.024  1.00 0.33 ? 19 DG A C8     1 
ATOM 712 N N7     . DG A 1 29 ? -4.368  1.808   -7.177  1.00 0.33 ? 19 DG A N7     1 
ATOM 713 C C5     . DG A 1 29 ? -3.865  1.899   -5.884  1.00 0.28 ? 19 DG A C5     1 
ATOM 714 C C6     . DG A 1 29 ? -2.589  2.319   -5.415  1.00 0.28 ? 19 DG A C6     1 
ATOM 715 O O6     . DG A 1 29 ? -1.607  2.687   -6.054  1.00 0.32 ? 19 DG A O6     1 
ATOM 716 N N1     . DG A 1 29 ? -2.500  2.260   -4.044  1.00 0.26 ? 19 DG A N1     1 
ATOM 717 C C2     . DG A 1 29 ? -3.514  1.847   -3.222  1.00 0.28 ? 19 DG A C2     1 
ATOM 718 N N2     . DG A 1 29 ? -3.300  1.832   -1.926  1.00 0.34 ? 19 DG A N2     1 
ATOM 719 N N3     . DG A 1 29 ? -4.707  1.452   -3.639  1.00 0.29 ? 19 DG A N3     1 
ATOM 720 C C4     . DG A 1 29 ? -4.811  1.504   -4.980  1.00 0.28 ? 19 DG A C4     1 
ATOM 721 H "H5'"  . DG A 1 29 ? -5.812  -3.012  -4.766  1.00 0.70 ? 19 DG A "H5'"  1 
ATOM 722 H "H5''" . DG A 1 29 ? -7.236  -3.569  -5.682  1.00 0.77 ? 19 DG A "H5''" 1 
ATOM 723 H "H4'"  . DG A 1 29 ? -7.692  -2.257  -3.688  1.00 0.56 ? 19 DG A "H4'"  1 
ATOM 724 H "H3'"  . DG A 1 29 ? -9.161  -1.963  -6.053  1.00 0.77 ? 19 DG A "H3'"  1 
ATOM 725 H "H2'"  . DG A 1 29 ? -7.760  -0.312  -7.029  1.00 0.45 ? 19 DG A "H2'"  1 
ATOM 726 H "H2''" . DG A 1 29 ? -8.963  0.778   -6.443  1.00 0.48 ? 19 DG A "H2''" 1 
ATOM 727 H "H1'"  . DG A 1 29 ? -7.363  1.246   -4.169  1.00 0.34 ? 19 DG A "H1'"  1 
ATOM 728 H H8     . DG A 1 29 ? -6.218  1.243   -7.903  1.00 0.36 ? 19 DG A H8     1 
ATOM 729 H H1     . DG A 1 29 ? -1.612  2.550   -3.661  1.00 0.25 ? 19 DG A H1     1 
ATOM 730 H H21    . DG A 1 29 ? -2.445  2.200   -1.535  1.00 0.36 ? 19 DG A H21    1 
ATOM 731 H H22    . DG A 1 29 ? -4.015  1.445   -1.326  1.00 0.46 ? 19 DG A H22    1 
ATOM 732 P P      . DG A 1 30 ? -11.107 -0.890  -4.387  1.00 0.62 ? 20 DG A P      1 
ATOM 733 O OP1    . DG A 1 30 ? -11.597 -2.233  -4.008  1.00 1.06 ? 20 DG A OP1    1 
ATOM 734 O OP2    . DG A 1 30 ? -11.600 -0.225  -5.613  1.00 0.99 ? 20 DG A OP2    1 
ATOM 735 O "O5'"  . DG A 1 30 ? -11.217 0.093   -3.142  1.00 0.67 ? 20 DG A "O5'"  1 
ATOM 736 C "C5'"  . DG A 1 30 ? -10.811 -0.313  -1.824  1.00 0.64 ? 20 DG A "C5'"  1 
ATOM 737 C "C4'"  . DG A 1 30 ? -10.980 0.825   -0.838  1.00 0.55 ? 20 DG A "C4'"  1 
ATOM 738 O "O4'"  . DG A 1 30 ? -10.120 1.968   -1.120  1.00 0.44 ? 20 DG A "O4'"  1 
ATOM 739 C "C3'"  . DG A 1 30 ? -12.437 1.400   -1.027  1.00 0.59 ? 20 DG A "C3'"  1 
ATOM 740 O "O3'"  . DG A 1 30 ? -12.840 1.866   0.245   1.00 0.73 ? 20 DG A "O3'"  1 
ATOM 741 C "C2'"  . DG A 1 30 ? -12.265 2.579   -2.088  1.00 0.46 ? 20 DG A "C2'"  1 
ATOM 742 C "C1'"  . DG A 1 30 ? -10.740 3.067   -1.865  1.00 0.42 ? 20 DG A "C1'"  1 
ATOM 743 N N9     . DG A 1 30 ? -9.966  3.227   -3.134  1.00 0.35 ? 20 DG A N9     1 
ATOM 744 C C8     . DG A 1 30 ? -10.302 2.988   -4.466  1.00 0.34 ? 20 DG A C8     1 
ATOM 745 N N7     . DG A 1 30 ? -9.338  3.244   -5.294  1.00 0.31 ? 20 DG A N7     1 
ATOM 746 C C5     . DG A 1 30 ? -8.295  3.682   -4.492  1.00 0.29 ? 20 DG A C5     1 
ATOM 747 C C6     . DG A 1 30 ? -6.995  4.100   -4.851  1.00 0.28 ? 20 DG A C6     1 
ATOM 748 O O6     . DG A 1 30 ? -6.490  4.173   -5.967  1.00 0.28 ? 20 DG A O6     1 
ATOM 749 N N1     . DG A 1 30 ? -6.243  4.462   -3.766  1.00 0.31 ? 20 DG A N1     1 
ATOM 750 C C2     . DG A 1 30 ? -6.677  4.432   -2.465  1.00 0.36 ? 20 DG A C2     1 
ATOM 751 N N2     . DG A 1 30 ? -5.825  4.824   -1.528  1.00 0.43 ? 20 DG A N2     1 
ATOM 752 N N3     . DG A 1 30 ? -7.900  4.042   -2.102  1.00 0.36 ? 20 DG A N3     1 
ATOM 753 C C4     . DG A 1 30 ? -8.658  3.678   -3.172  1.00 0.32 ? 20 DG A C4     1 
ATOM 754 H "H5'"  . DG A 1 30 ? -9.772  -0.640  -1.795  1.00 0.65 ? 20 DG A "H5'"  1 
ATOM 755 H "H5''" . DG A 1 30 ? -11.440 -1.145  -1.509  1.00 0.81 ? 20 DG A "H5''" 1 
ATOM 756 H "H4'"  . DG A 1 30 ? -10.681 0.360   0.102   1.00 0.64 ? 20 DG A "H4'"  1 
ATOM 757 H "H3'"  . DG A 1 30 ? -13.169 0.631   -1.271  1.00 0.70 ? 20 DG A "H3'"  1 
ATOM 758 H "H2'"  . DG A 1 30 ? -12.555 2.244   -3.085  1.00 0.46 ? 20 DG A "H2'"  1 
ATOM 759 H "H2''" . DG A 1 30 ? -13.016 3.368   -2.066  1.00 0.48 ? 20 DG A "H2''" 1 
ATOM 760 H "H1'"  . DG A 1 30 ? -10.479 3.978   -1.325  1.00 0.46 ? 20 DG A "H1'"  1 
ATOM 761 H H8     . DG A 1 30 ? -11.233 2.632   -4.909  1.00 0.37 ? 20 DG A H8     1 
ATOM 762 H H1     . DG A 1 30 ? -5.312  4.761   -4.023  1.00 0.33 ? 20 DG A H1     1 
ATOM 763 H H21    . DG A 1 30 ? -4.889  5.139   -1.740  1.00 0.47 ? 20 DG A H21    1 
ATOM 764 H H22    . DG A 1 30 ? -6.167  4.795   -0.578  1.00 0.52 ? 20 DG A H22    1 
ATOM 765 P P      . DT A 1 31 ? -14.142 2.749   0.502   1.00 0.69 ? 21 DT A P      1 
ATOM 766 O OP1    . DT A 1 31 ? -14.644 2.373   1.838   1.00 0.74 ? 21 DT A OP1    1 
ATOM 767 O OP2    . DT A 1 31 ? -15.044 2.671   -0.670  1.00 0.73 ? 21 DT A OP2    1 
ATOM 768 O "O5'"  . DT A 1 31 ? -13.533 4.231   0.571   1.00 0.70 ? 21 DT A "O5'"  1 
ATOM 769 C "C5'"  . DT A 1 31 ? -12.479 4.571   1.483   1.00 0.70 ? 21 DT A "C5'"  1 
ATOM 770 C "C4'"  . DT A 1 31 ? -11.710 5.772   0.972   1.00 0.61 ? 21 DT A "C4'"  1 
ATOM 771 O "O4'"  . DT A 1 31 ? -11.271 5.556   -0.370  1.00 0.52 ? 21 DT A "O4'"  1 
ATOM 772 C "C3'"  . DT A 1 31 ? -12.692 7.031   0.774   1.00 0.63 ? 21 DT A "C3'"  1 
ATOM 773 O "O3'"  . DT A 1 31 ? -12.905 7.709   1.999   1.00 0.77 ? 21 DT A "O3'"  1 
ATOM 774 C "C2'"  . DT A 1 31 ? -11.744 7.869   -0.152  1.00 0.57 ? 21 DT A "C2'"  1 
ATOM 775 C "C1'"  . DT A 1 31 ? -10.762 6.828   -0.769  1.00 0.49 ? 21 DT A "C1'"  1 
ATOM 776 N N1     . DT A 1 31 ? -10.763 6.877   -2.252  1.00 0.42 ? 21 DT A N1     1 
ATOM 777 C C2     . DT A 1 31 ? -9.514  6.950   -2.819  1.00 0.40 ? 21 DT A C2     1 
ATOM 778 O O2     . DT A 1 31 ? -8.465  6.992   -2.180  1.00 0.42 ? 21 DT A O2     1 
ATOM 779 N N3     . DT A 1 31 ? -9.470  6.993   -4.173  1.00 0.37 ? 21 DT A N3     1 
ATOM 780 C C4     . DT A 1 31 ? -10.538 6.975   -5.042  1.00 0.39 ? 21 DT A C4     1 
ATOM 781 O O4     . DT A 1 31 ? -10.348 7.037   -6.251  1.00 0.43 ? 21 DT A O4     1 
ATOM 782 C C5     . DT A 1 31 ? -11.823 6.895   -4.390  1.00 0.40 ? 21 DT A C5     1 
ATOM 783 C C7     . DT A 1 31 ? -13.111 6.857   -5.228  1.00 0.46 ? 21 DT A C7     1 
ATOM 784 C C6     . DT A 1 31 ? -11.909 6.850   -3.049  1.00 0.42 ? 21 DT A C6     1 
ATOM 785 H "H5'"  . DT A 1 31 ? -11.770 3.747   1.574   1.00 0.75 ? 21 DT A "H5'"  1 
ATOM 786 H "H5''" . DT A 1 31 ? -12.900 4.783   2.466   1.00 0.80 ? 21 DT A "H5''" 1 
ATOM 787 H "H4'"  . DT A 1 31 ? -10.778 5.814   1.538   1.00 0.65 ? 21 DT A "H4'"  1 
ATOM 788 H "H3'"  . DT A 1 31 ? -13.721 6.903   0.437   1.00 0.65 ? 21 DT A "H3'"  1 
ATOM 789 H "HO3'" . DT A 1 31 ? -13.846 7.899   1.998   1.00 0.99 ? 21 DT A "HO3'" 1 
ATOM 790 H "H2'"  . DT A 1 31 ? -12.217 8.411   -0.970  1.00 0.57 ? 21 DT A "H2'"  1 
ATOM 791 H "H2''" . DT A 1 31 ? -11.208 8.620   0.429   1.00 0.65 ? 21 DT A "H2''" 1 
ATOM 792 H "H1'"  . DT A 1 31 ? -9.752  6.863   -0.360  1.00 0.50 ? 21 DT A "H1'"  1 
ATOM 793 H H3     . DT A 1 31 ? -8.537  7.029   -4.561  1.00 0.35 ? 21 DT A H3     1 
ATOM 794 H H71    . DT A 1 31 ? -13.670 5.950   -4.994  1.00 0.57 ? 21 DT A H71    1 
ATOM 795 H H72    . DT A 1 31 ? -13.726 7.727   -4.993  1.00 0.56 ? 21 DT A H72    1 
ATOM 796 H H73    . DT A 1 31 ? -12.875 6.861   -6.292  1.00 0.57 ? 21 DT A H73    1 
ATOM 797 H H6     . DT A 1 31 ? -12.938 6.791   -2.693  1.00 0.46 ? 21 DT A H6     1 
# 
